data_4NQY
#
_entry.id   4NQY
#
_cell.length_a   117.010
_cell.length_b   117.010
_cell.length_c   84.900
_cell.angle_alpha   90.00
_cell.angle_beta   90.00
_cell.angle_gamma   90.00
#
_symmetry.space_group_name_H-M   'P 41'
#
loop_
_entity.id
_entity.type
_entity.pdbx_description
1 polymer 'Isopropylmalate/citramalate isomerase large subunit'
2 non-polymer 'ZINC ION'
3 water water
#
_entity_poly.entity_id   1
_entity_poly.type   'polypeptide(L)'
_entity_poly.pdbx_seq_one_letter_code
;MGSSHHHHHHSSGLVPRGSMGMTIVEKILAKASGKKEVSPGDIVMANIDVAMVHDITGPLTVNTLKEYGIEKVWNPEKIV
ILFDHQVPADSIKAAENHILMRKFVKEQGIKYFYDIREGVCHQVLPEKGHVAPGEVVVGADSHTCTHGAFGAFATGIGST
DMAHVFATGKLWFKVPETIYFNITGDLQPYVTSKDVILSIIGEVGVDGATYKACQFGGETVKKMSIASRMTMTNMAIEMG
GKTGIIEPDEKTIQYVKEAMKKHGTERPFEVIKGDEDAEFAEVYEIEADKIEPVFACPHNVDNVKQAREVAGKPIDQVFI
GSCTNGRLEDLRMAIKIIEKHGGIADDVRVVVTPASREEYLKALKEGIIEKFLKYGCVVTNPSCSACMGSLYGVLGPGEV
CVSTSNRNFRGRQGSLEAEIYLASPITAAACAVKGELVDPRDL
;
_entity_poly.pdbx_strand_id   A,B
#
# COMPACT_ATOMS: atom_id res chain seq x y z
N MET A 22 14.12 45.80 -14.46
CA MET A 22 14.30 44.44 -14.95
C MET A 22 13.90 43.41 -13.90
N THR A 23 12.95 42.54 -14.24
CA THR A 23 12.33 41.64 -13.29
C THR A 23 13.29 40.48 -12.96
N ILE A 24 12.90 39.63 -12.00
CA ILE A 24 13.68 38.46 -11.64
C ILE A 24 13.76 37.46 -12.80
N VAL A 25 12.63 37.18 -13.44
CA VAL A 25 12.61 36.29 -14.60
C VAL A 25 13.53 36.83 -15.69
N GLU A 26 13.65 38.15 -15.73
CA GLU A 26 14.45 38.82 -16.73
C GLU A 26 15.93 38.77 -16.37
N LYS A 27 16.26 38.87 -15.09
CA LYS A 27 17.67 38.84 -14.72
C LYS A 27 18.16 37.40 -14.87
N ILE A 28 17.27 36.46 -14.61
CA ILE A 28 17.55 35.04 -14.81
C ILE A 28 17.83 34.76 -16.28
N LEU A 29 16.92 35.19 -17.16
CA LEU A 29 17.12 34.98 -18.59
C LEU A 29 18.32 35.76 -19.13
N ALA A 30 18.66 36.88 -18.50
CA ALA A 30 19.79 37.69 -18.92
C ALA A 30 21.09 36.97 -18.61
N LYS A 31 21.21 36.50 -17.38
CA LYS A 31 22.40 35.75 -16.96
C LYS A 31 22.53 34.46 -17.76
N ALA A 32 21.40 33.80 -17.99
CA ALA A 32 21.38 32.52 -18.69
C ALA A 32 21.79 32.67 -20.15
N SER A 33 21.15 33.62 -20.84
CA SER A 33 21.47 33.89 -22.24
C SER A 33 22.90 34.40 -22.41
N GLY A 34 23.35 35.19 -21.44
CA GLY A 34 24.70 35.72 -21.42
C GLY A 34 24.64 37.16 -21.88
N LYS A 35 23.43 37.68 -21.94
CA LYS A 35 23.18 39.10 -22.16
C LYS A 35 23.30 39.86 -20.84
N LYS A 36 23.55 41.17 -20.90
CA LYS A 36 23.58 41.97 -19.66
C LYS A 36 22.29 42.79 -19.48
N GLU A 37 21.36 42.68 -20.42
CA GLU A 37 20.05 43.31 -20.26
C GLU A 37 19.05 42.56 -21.10
N VAL A 38 17.78 42.59 -20.69
CA VAL A 38 16.75 41.94 -21.48
C VAL A 38 15.39 42.60 -21.26
N SER A 39 14.57 42.61 -22.30
CA SER A 39 13.24 43.21 -22.24
C SER A 39 12.18 42.15 -22.49
N PRO A 40 10.95 42.39 -22.01
CA PRO A 40 9.88 41.45 -22.37
C PRO A 40 9.64 41.45 -23.88
N GLY A 41 9.36 40.29 -24.45
CA GLY A 41 9.16 40.16 -25.88
C GLY A 41 10.47 39.87 -26.60
N ASP A 42 11.57 40.25 -25.97
CA ASP A 42 12.90 39.95 -26.49
C ASP A 42 13.04 38.43 -26.52
N ILE A 43 13.84 37.92 -27.44
CA ILE A 43 13.95 36.48 -27.59
C ILE A 43 15.40 36.02 -27.52
N VAL A 44 15.69 35.12 -26.59
CA VAL A 44 17.08 34.78 -26.30
C VAL A 44 17.34 33.29 -26.25
N MET A 45 18.61 32.92 -26.31
CA MET A 45 19.03 31.54 -26.17
C MET A 45 19.69 31.36 -24.82
N ALA A 46 19.01 30.65 -23.92
CA ALA A 46 19.46 30.51 -22.55
C ALA A 46 20.00 29.12 -22.26
N ASN A 47 21.00 29.05 -21.38
CA ASN A 47 21.55 27.77 -20.96
C ASN A 47 20.69 27.13 -19.87
N ILE A 48 20.43 25.83 -20.03
CA ILE A 48 19.56 25.10 -19.12
C ILE A 48 20.31 24.49 -17.95
N ASP A 49 19.82 24.72 -16.73
CA ASP A 49 20.43 24.13 -15.54
C ASP A 49 20.00 22.69 -15.31
N VAL A 50 18.72 22.40 -15.52
CA VAL A 50 18.24 21.03 -15.38
C VAL A 50 17.05 20.78 -16.29
N ALA A 51 17.00 19.58 -16.86
CA ALA A 51 15.88 19.18 -17.70
C ALA A 51 15.36 17.83 -17.23
N MET A 52 14.04 17.72 -17.13
CA MET A 52 13.43 16.52 -16.54
C MET A 52 12.40 15.87 -17.47
N VAL A 53 12.49 14.56 -17.58
CA VAL A 53 11.50 13.78 -18.33
C VAL A 53 10.98 12.61 -17.50
N HIS A 54 9.70 12.29 -17.69
CA HIS A 54 9.02 11.33 -16.82
C HIS A 54 8.40 10.13 -17.54
N ASP A 55 7.31 10.29 -18.29
CA ASP A 55 6.63 9.09 -18.78
C ASP A 55 6.77 8.79 -20.27
N ILE A 56 5.97 9.44 -21.10
CA ILE A 56 5.96 9.19 -22.54
C ILE A 56 7.06 10.01 -23.21
N THR A 57 7.25 11.18 -22.63
CA THR A 57 8.14 12.19 -23.15
C THR A 57 9.58 11.73 -23.14
N GLY A 58 9.93 10.79 -22.28
CA GLY A 58 11.28 10.27 -22.26
C GLY A 58 11.62 9.50 -23.53
N PRO A 59 10.85 8.43 -23.81
CA PRO A 59 11.01 7.68 -25.07
C PRO A 59 10.87 8.56 -26.30
N LEU A 60 9.84 9.41 -26.32
CA LEU A 60 9.68 10.35 -27.43
C LEU A 60 10.93 11.19 -27.62
N THR A 61 11.38 11.82 -26.54
CA THR A 61 12.56 12.68 -26.58
C THR A 61 13.78 11.93 -27.08
N VAL A 62 13.94 10.67 -26.68
CA VAL A 62 15.09 9.88 -27.12
C VAL A 62 15.07 9.56 -28.61
N ASN A 63 13.94 9.03 -29.10
CA ASN A 63 13.82 8.71 -30.52
C ASN A 63 13.95 9.96 -31.40
N THR A 64 13.20 10.99 -31.00
CA THR A 64 13.24 12.30 -31.62
C THR A 64 14.66 12.84 -31.54
N LEU A 65 15.38 12.38 -30.52
CA LEU A 65 16.72 12.86 -30.26
C LEU A 65 17.51 12.22 -31.41
N LYS A 66 17.61 10.91 -31.51
CA LYS A 66 18.27 10.46 -32.74
C LYS A 66 17.37 9.77 -33.70
N GLU A 67 16.74 10.57 -34.53
CA GLU A 67 16.71 10.35 -35.94
C GLU A 67 17.62 11.43 -36.55
N TYR A 68 18.08 12.33 -35.67
CA TYR A 68 18.91 13.51 -36.00
C TYR A 68 20.43 13.29 -36.11
N GLY A 69 20.99 12.40 -35.28
CA GLY A 69 22.40 12.08 -35.36
C GLY A 69 23.38 12.55 -34.29
N ILE A 70 22.87 13.22 -33.26
CA ILE A 70 23.73 13.59 -32.10
C ILE A 70 24.10 12.33 -31.28
N GLU A 71 25.33 11.92 -31.04
CA GLU A 71 25.29 10.76 -30.12
C GLU A 71 25.50 11.06 -28.61
N LYS A 72 25.95 12.27 -28.29
CA LYS A 72 26.18 12.66 -26.91
C LYS A 72 25.15 13.68 -26.41
N VAL A 73 24.53 13.42 -25.27
CA VAL A 73 23.76 14.47 -24.62
C VAL A 73 24.79 15.47 -24.14
N TRP A 74 24.38 16.72 -23.98
CA TRP A 74 25.29 17.79 -23.65
C TRP A 74 25.94 17.60 -22.27
N ASN A 75 25.09 17.41 -21.26
CA ASN A 75 25.54 17.28 -19.88
C ASN A 75 24.77 16.19 -19.15
N PRO A 76 25.28 14.95 -19.16
CA PRO A 76 24.57 13.81 -18.60
C PRO A 76 24.19 13.97 -17.12
N GLU A 77 24.79 14.93 -16.41
CA GLU A 77 24.45 15.15 -15.02
C GLU A 77 23.38 16.21 -14.81
N LYS A 78 22.98 16.89 -15.88
CA LYS A 78 21.92 17.89 -15.78
C LYS A 78 20.55 17.38 -16.25
N ILE A 79 20.48 16.08 -16.55
CA ILE A 79 19.22 15.46 -16.97
C ILE A 79 18.66 14.53 -15.91
N VAL A 80 17.39 14.71 -15.58
CA VAL A 80 16.69 13.87 -14.61
C VAL A 80 15.57 13.09 -15.30
N ILE A 81 15.59 11.77 -15.15
CA ILE A 81 14.64 10.90 -15.85
C ILE A 81 13.84 10.06 -14.85
N LEU A 82 12.66 9.61 -15.26
CA LEU A 82 11.81 8.78 -14.37
C LEU A 82 11.50 7.38 -14.94
N PHE A 83 11.59 6.37 -14.08
CA PHE A 83 11.40 4.96 -14.45
C PHE A 83 10.27 4.25 -13.71
N ASP A 84 10.16 2.95 -13.95
CA ASP A 84 9.35 2.05 -13.13
C ASP A 84 10.24 0.98 -12.50
N ASN A 97 6.83 0.34 -24.08
CA ASN A 97 7.85 -0.50 -23.45
C ASN A 97 8.98 0.33 -22.77
N HIS A 98 9.69 -0.32 -21.82
CA HIS A 98 10.69 0.22 -20.88
C HIS A 98 12.04 0.31 -21.75
N ILE A 99 12.49 -0.73 -22.48
CA ILE A 99 13.95 -0.95 -22.83
C ILE A 99 14.74 0.28 -23.31
N LEU A 100 14.16 1.10 -24.17
CA LEU A 100 14.94 2.24 -24.69
C LEU A 100 15.49 3.14 -23.60
N MET A 101 14.72 3.32 -22.53
CA MET A 101 15.11 4.24 -21.46
C MET A 101 16.26 3.74 -20.57
N ARG A 102 16.19 2.51 -20.04
CA ARG A 102 17.38 1.90 -19.39
C ARG A 102 18.55 2.11 -20.28
N LYS A 103 18.47 1.56 -21.48
CA LYS A 103 19.64 1.56 -22.33
C LYS A 103 20.15 2.98 -22.63
N PHE A 104 19.26 3.95 -22.61
CA PHE A 104 19.62 5.34 -22.84
C PHE A 104 20.41 5.92 -21.67
N VAL A 105 19.92 5.70 -20.46
CA VAL A 105 20.58 6.21 -19.26
C VAL A 105 21.92 5.53 -19.08
N LYS A 106 22.00 4.25 -19.46
CA LYS A 106 23.23 3.49 -19.32
C LYS A 106 24.27 3.90 -20.36
N GLU A 107 23.81 4.10 -21.60
CA GLU A 107 24.68 4.50 -22.70
C GLU A 107 25.23 5.91 -22.46
N GLN A 108 24.38 6.78 -21.95
CA GLN A 108 24.82 8.09 -21.50
C GLN A 108 25.38 7.95 -20.09
N GLY A 109 25.86 9.05 -19.54
CA GLY A 109 26.43 9.05 -18.21
C GLY A 109 25.41 9.52 -17.19
N ILE A 110 24.13 9.36 -17.50
CA ILE A 110 23.12 10.06 -16.73
C ILE A 110 23.06 9.53 -15.31
N LYS A 111 23.35 10.41 -14.37
CA LYS A 111 23.48 10.05 -12.97
C LYS A 111 22.13 10.01 -12.26
N TYR A 112 21.27 10.99 -12.55
CA TYR A 112 20.05 11.12 -11.80
C TYR A 112 18.87 10.52 -12.54
N PHE A 113 18.45 9.35 -12.08
CA PHE A 113 17.28 8.67 -12.58
C PHE A 113 16.55 8.04 -11.40
N TYR A 114 15.28 8.38 -11.22
CA TYR A 114 14.56 7.91 -10.05
C TYR A 114 13.37 7.04 -10.43
N ASP A 115 13.03 6.11 -9.55
CA ASP A 115 11.88 5.25 -9.77
C ASP A 115 10.59 6.00 -9.49
N ILE A 116 9.48 5.50 -10.04
CA ILE A 116 8.18 6.15 -9.87
C ILE A 116 7.68 6.07 -8.43
N ARG A 117 8.38 5.32 -7.57
CA ARG A 117 7.96 5.18 -6.19
C ARG A 117 8.58 6.25 -5.29
N GLU A 118 9.24 7.23 -5.90
CA GLU A 118 9.57 8.47 -5.20
C GLU A 118 8.35 9.39 -5.20
N GLY A 119 7.29 8.95 -5.86
CA GLY A 119 6.06 9.72 -6.02
C GLY A 119 5.87 10.27 -7.42
N VAL A 120 4.62 10.39 -7.82
CA VAL A 120 4.24 10.73 -9.20
C VAL A 120 4.34 12.24 -9.46
N CYS A 121 4.56 13.01 -8.41
CA CYS A 121 4.47 14.47 -8.51
C CYS A 121 5.81 15.15 -8.83
N HIS A 122 5.79 16.48 -8.78
CA HIS A 122 6.96 17.29 -9.08
C HIS A 122 7.90 17.36 -7.89
N GLN A 123 7.36 16.98 -6.72
CA GLN A 123 8.06 17.09 -5.45
C GLN A 123 9.50 16.57 -5.52
N VAL A 124 9.69 15.46 -6.24
CA VAL A 124 10.98 14.80 -6.38
C VAL A 124 12.13 15.71 -6.81
N LEU A 125 11.89 16.55 -7.80
CA LEU A 125 12.95 17.37 -8.38
C LEU A 125 13.54 18.36 -7.37
N PRO A 126 12.70 19.21 -6.72
CA PRO A 126 13.31 20.05 -5.69
C PRO A 126 13.70 19.28 -4.43
N GLU A 127 13.02 18.17 -4.16
CA GLU A 127 13.29 17.37 -2.97
C GLU A 127 14.73 16.88 -2.93
N LYS A 128 15.27 16.57 -4.11
CA LYS A 128 16.63 16.07 -4.22
C LYS A 128 17.62 17.20 -4.47
N GLY A 129 17.14 18.43 -4.45
CA GLY A 129 17.99 19.59 -4.61
C GLY A 129 18.35 19.98 -6.04
N HIS A 130 17.53 19.56 -7.00
CA HIS A 130 17.81 19.82 -8.40
C HIS A 130 17.30 21.18 -8.86
N VAL A 131 16.61 21.89 -7.98
CA VAL A 131 16.11 23.22 -8.29
C VAL A 131 16.68 24.26 -7.32
N ALA A 132 17.54 25.12 -7.85
CA ALA A 132 18.13 26.19 -7.05
C ALA A 132 17.69 27.54 -7.59
N PRO A 133 17.70 28.57 -6.74
CA PRO A 133 17.37 29.94 -7.16
C PRO A 133 18.19 30.44 -8.35
N GLY A 134 17.60 31.35 -9.11
CA GLY A 134 18.27 31.92 -10.28
C GLY A 134 18.67 30.91 -11.32
N GLU A 135 17.88 29.85 -11.46
CA GLU A 135 18.17 28.80 -12.44
C GLU A 135 17.06 28.67 -13.47
N VAL A 136 17.40 28.08 -14.60
CA VAL A 136 16.42 27.81 -15.66
C VAL A 136 16.12 26.32 -15.69
N VAL A 137 14.88 25.99 -15.34
CA VAL A 137 14.43 24.61 -15.21
C VAL A 137 13.36 24.32 -16.25
N VAL A 138 13.56 23.25 -17.01
CA VAL A 138 12.56 22.84 -17.98
C VAL A 138 12.18 21.38 -17.73
N GLY A 139 10.90 21.08 -17.94
CA GLY A 139 10.42 19.73 -17.73
C GLY A 139 9.33 19.39 -18.72
N ALA A 140 9.00 18.10 -18.81
CA ALA A 140 7.96 17.66 -19.73
C ALA A 140 6.58 18.05 -19.22
N ASP A 141 6.34 17.87 -17.93
CA ASP A 141 5.03 18.12 -17.36
C ASP A 141 4.63 19.60 -17.40
N SER A 142 3.33 19.82 -17.55
CA SER A 142 2.74 21.16 -17.55
C SER A 142 3.04 21.97 -16.29
N HIS A 143 3.09 21.28 -15.16
CA HIS A 143 3.12 21.92 -13.86
C HIS A 143 4.52 22.14 -13.31
N THR A 144 5.52 21.98 -14.16
CA THR A 144 6.92 22.30 -13.85
C THR A 144 7.04 23.71 -13.25
N CYS A 145 6.09 24.57 -13.59
CA CYS A 145 6.00 25.94 -13.07
C CYS A 145 6.04 25.97 -11.54
N THR A 146 5.68 24.85 -10.92
CA THR A 146 5.71 24.70 -9.47
C THR A 146 7.04 25.15 -8.90
N HIS A 147 8.11 24.81 -9.62
CA HIS A 147 9.45 25.01 -9.11
C HIS A 147 9.86 26.47 -9.12
N GLY A 148 9.01 27.28 -9.74
CA GLY A 148 9.11 28.73 -9.63
C GLY A 148 9.07 29.20 -8.19
N ALA A 149 8.53 28.36 -7.31
CA ALA A 149 8.50 28.67 -5.87
C ALA A 149 9.90 28.90 -5.32
N PHE A 150 10.91 28.34 -6.00
CA PHE A 150 12.28 28.38 -5.52
C PHE A 150 13.10 29.54 -6.10
N GLY A 151 12.41 30.43 -6.81
CA GLY A 151 13.06 31.60 -7.39
C GLY A 151 13.86 31.22 -8.61
N ALA A 152 13.38 30.20 -9.30
CA ALA A 152 13.97 29.76 -10.56
C ALA A 152 12.94 29.92 -11.65
N PHE A 153 13.40 30.03 -12.90
CA PHE A 153 12.49 30.18 -14.01
C PHE A 153 12.18 28.79 -14.53
N ALA A 154 10.96 28.31 -14.31
CA ALA A 154 10.64 26.90 -14.53
C ALA A 154 9.44 26.72 -15.45
N THR A 155 9.63 25.97 -16.53
CA THR A 155 8.58 25.80 -17.52
C THR A 155 8.48 24.37 -18.05
N GLY A 156 7.26 23.99 -18.43
CA GLY A 156 7.06 22.77 -19.17
C GLY A 156 7.30 23.05 -20.64
N ILE A 157 7.90 22.09 -21.34
CA ILE A 157 8.15 22.24 -22.77
C ILE A 157 7.79 20.94 -23.50
N GLY A 158 7.59 21.05 -24.80
CA GLY A 158 7.22 19.91 -25.62
C GLY A 158 8.40 18.98 -25.88
N SER A 159 8.15 17.92 -26.64
CA SER A 159 9.14 16.88 -26.87
C SER A 159 10.30 17.34 -27.76
N THR A 160 9.99 18.15 -28.77
CA THR A 160 11.02 18.61 -29.70
C THR A 160 11.96 19.58 -29.00
N ASP A 161 11.37 20.53 -28.28
CA ASP A 161 12.15 21.47 -27.46
C ASP A 161 13.08 20.71 -26.52
N MET A 162 12.53 19.69 -25.85
CA MET A 162 13.31 18.87 -24.94
C MET A 162 14.44 18.16 -25.67
N ALA A 163 14.20 17.73 -26.90
CA ALA A 163 15.24 17.10 -27.70
C ALA A 163 16.36 18.09 -27.99
N HIS A 164 15.99 19.33 -28.30
CA HIS A 164 17.00 20.36 -28.50
C HIS A 164 17.80 20.58 -27.23
N VAL A 165 17.11 20.67 -26.11
CA VAL A 165 17.76 20.88 -24.81
C VAL A 165 18.75 19.77 -24.52
N PHE A 166 18.31 18.52 -24.70
CA PHE A 166 19.18 17.37 -24.51
C PHE A 166 20.41 17.47 -25.39
N ALA A 167 20.22 17.93 -26.63
CA ALA A 167 21.33 18.03 -27.56
C ALA A 167 22.31 19.16 -27.22
N THR A 168 21.82 20.38 -27.13
CA THR A 168 22.65 21.58 -26.97
C THR A 168 22.73 22.16 -25.56
N GLY A 169 21.92 21.66 -24.64
CA GLY A 169 21.79 22.29 -23.34
C GLY A 169 21.40 23.76 -23.35
N LYS A 170 20.76 24.20 -24.42
CA LYS A 170 20.23 25.55 -24.50
C LYS A 170 18.81 25.52 -25.04
N LEU A 171 18.06 26.59 -24.82
CA LEU A 171 16.75 26.70 -25.44
C LEU A 171 16.36 28.15 -25.69
N TRP A 172 15.51 28.36 -26.68
CA TRP A 172 15.00 29.68 -26.99
C TRP A 172 13.85 30.04 -26.06
N PHE A 173 13.84 31.30 -25.64
CA PHE A 173 12.77 31.81 -24.79
C PHE A 173 12.35 33.17 -25.28
N LYS A 174 11.05 33.33 -25.50
CA LYS A 174 10.49 34.66 -25.65
C LYS A 174 10.40 35.20 -24.24
N VAL A 175 11.13 36.27 -23.98
CA VAL A 175 11.14 36.83 -22.65
C VAL A 175 9.78 37.34 -22.26
N PRO A 176 9.22 36.74 -21.24
CA PRO A 176 7.90 37.21 -20.81
C PRO A 176 7.91 38.48 -20.02
N GLU A 177 6.72 38.70 -19.50
CA GLU A 177 6.45 39.82 -18.65
C GLU A 177 6.02 39.29 -17.29
N THR A 178 6.47 39.93 -16.23
CA THR A 178 5.96 39.61 -14.91
C THR A 178 4.68 40.39 -14.69
N ILE A 179 3.63 39.70 -14.26
CA ILE A 179 2.54 40.38 -13.61
C ILE A 179 2.71 40.10 -12.11
N TYR A 180 2.91 41.18 -11.36
CA TYR A 180 3.21 41.08 -9.95
C TYR A 180 1.95 41.06 -9.11
N PHE A 181 1.81 40.02 -8.30
CA PHE A 181 0.75 39.95 -7.31
C PHE A 181 1.37 40.29 -5.97
N ASN A 182 1.06 41.48 -5.47
CA ASN A 182 1.56 41.88 -4.16
C ASN A 182 0.52 41.56 -3.10
N ILE A 183 0.85 40.56 -2.31
CA ILE A 183 -0.04 40.04 -1.29
C ILE A 183 0.51 40.46 0.05
N THR A 184 -0.26 41.25 0.78
CA THR A 184 0.18 41.75 2.06
C THR A 184 -0.95 41.48 3.06
N GLY A 185 -0.63 41.55 4.34
CA GLY A 185 -1.60 41.25 5.37
C GLY A 185 -1.41 39.85 5.93
N ASP A 186 -2.14 39.51 6.98
CA ASP A 186 -2.01 38.19 7.57
C ASP A 186 -3.16 37.28 7.20
N LEU A 187 -2.84 36.03 6.87
CA LEU A 187 -3.87 35.02 6.64
C LEU A 187 -4.62 34.77 7.93
N GLN A 188 -5.94 34.82 7.86
CA GLN A 188 -6.77 34.49 9.01
C GLN A 188 -6.74 32.99 9.25
N PRO A 189 -7.14 32.54 10.45
CA PRO A 189 -7.20 31.10 10.70
C PRO A 189 -8.13 30.38 9.73
N TYR A 190 -7.87 29.09 9.51
CA TYR A 190 -8.64 28.26 8.58
C TYR A 190 -8.55 28.77 7.15
N VAL A 191 -7.50 29.54 6.84
CA VAL A 191 -7.30 30.07 5.50
C VAL A 191 -5.86 29.81 5.05
N THR A 192 -5.70 29.22 3.87
CA THR A 192 -4.41 28.76 3.40
C THR A 192 -4.07 29.40 2.05
N SER A 193 -2.81 29.28 1.64
CA SER A 193 -2.34 29.80 0.36
C SER A 193 -3.16 29.27 -0.79
N LYS A 194 -3.77 28.10 -0.60
CA LYS A 194 -4.69 27.54 -1.57
C LYS A 194 -5.87 28.47 -1.82
N ASP A 195 -6.48 28.96 -0.74
CA ASP A 195 -7.59 29.91 -0.85
C ASP A 195 -7.13 31.19 -1.54
N VAL A 196 -5.89 31.59 -1.25
CA VAL A 196 -5.30 32.78 -1.85
C VAL A 196 -5.19 32.65 -3.37
N ILE A 197 -4.49 31.62 -3.82
CA ILE A 197 -4.26 31.42 -5.24
C ILE A 197 -5.58 31.14 -5.97
N LEU A 198 -6.50 30.45 -5.30
CA LEU A 198 -7.79 30.14 -5.90
C LEU A 198 -8.59 31.42 -6.10
N SER A 199 -8.50 32.33 -5.13
CA SER A 199 -9.15 33.62 -5.26
C SER A 199 -8.56 34.43 -6.41
N ILE A 200 -7.23 34.51 -6.44
CA ILE A 200 -6.53 35.18 -7.54
C ILE A 200 -6.98 34.66 -8.90
N ILE A 201 -6.90 33.35 -9.09
CA ILE A 201 -7.37 32.70 -10.30
C ILE A 201 -8.81 33.10 -10.56
N GLY A 202 -9.59 33.20 -9.49
CA GLY A 202 -11.01 33.46 -9.59
C GLY A 202 -11.32 34.85 -10.12
N GLU A 203 -10.45 35.82 -9.84
CA GLU A 203 -10.66 37.13 -10.42
C GLU A 203 -9.91 37.34 -11.74
N VAL A 204 -8.96 36.48 -12.07
CA VAL A 204 -8.33 36.59 -13.39
C VAL A 204 -8.77 35.61 -14.48
N GLY A 205 -9.59 34.61 -14.13
CA GLY A 205 -10.06 33.66 -15.12
C GLY A 205 -9.00 32.67 -15.62
N VAL A 206 -9.44 31.61 -16.30
CA VAL A 206 -8.52 30.60 -16.85
C VAL A 206 -7.53 31.28 -17.80
N ASP A 207 -7.90 32.45 -18.28
CA ASP A 207 -6.97 33.32 -18.98
C ASP A 207 -7.37 34.75 -18.62
N GLY A 208 -6.41 35.63 -18.32
CA GLY A 208 -5.02 35.31 -18.12
C GLY A 208 -4.29 36.63 -17.96
N ALA A 209 -2.99 36.67 -17.64
CA ALA A 209 -2.07 35.55 -17.35
C ALA A 209 -1.97 34.50 -18.45
N THR A 210 -1.36 34.83 -19.59
CA THR A 210 -1.25 33.86 -20.67
C THR A 210 0.17 33.62 -21.16
N TYR A 211 0.70 34.66 -21.78
CA TYR A 211 2.03 34.64 -22.34
C TYR A 211 2.94 35.15 -21.24
N LYS A 212 2.36 35.31 -20.06
CA LYS A 212 3.02 36.03 -18.99
C LYS A 212 3.31 35.21 -17.76
N ALA A 213 4.31 35.68 -17.02
CA ALA A 213 4.80 35.01 -15.82
C ALA A 213 4.17 35.66 -14.60
N CYS A 214 3.59 34.84 -13.74
CA CYS A 214 2.93 35.33 -12.54
C CYS A 214 3.92 35.34 -11.38
N GLN A 215 4.23 36.53 -10.86
CA GLN A 215 5.19 36.62 -9.77
C GLN A 215 4.50 37.01 -8.48
N PHE A 216 4.63 36.19 -7.45
CA PHE A 216 3.96 36.43 -6.17
C PHE A 216 4.92 37.00 -5.13
N GLY A 217 4.48 38.02 -4.41
CA GLY A 217 5.33 38.73 -3.48
C GLY A 217 4.55 39.42 -2.38
N GLY A 218 5.25 40.24 -1.59
CA GLY A 218 4.62 40.92 -0.46
C GLY A 218 4.93 40.22 0.85
N GLU A 219 4.31 40.66 1.94
CA GLU A 219 4.64 40.11 3.24
C GLU A 219 3.96 38.76 3.46
N THR A 220 2.75 38.60 2.93
CA THR A 220 2.01 37.36 3.10
C THR A 220 2.71 36.19 2.43
N VAL A 221 3.46 36.50 1.37
CA VAL A 221 4.20 35.49 0.65
C VAL A 221 5.49 35.15 1.37
N LYS A 222 6.15 36.16 1.91
CA LYS A 222 7.40 35.91 2.61
C LYS A 222 7.14 35.21 3.93
N LYS A 223 5.93 35.33 4.44
CA LYS A 223 5.56 34.68 5.70
C LYS A 223 5.16 33.20 5.53
N MET A 224 4.61 32.84 4.38
CA MET A 224 4.19 31.44 4.18
C MET A 224 5.40 30.53 3.97
N SER A 225 5.21 29.25 4.24
CA SER A 225 6.25 28.24 4.05
C SER A 225 6.49 27.90 2.58
N ILE A 226 7.63 27.29 2.31
CA ILE A 226 7.98 26.84 0.95
C ILE A 226 6.90 25.95 0.35
N ALA A 227 6.37 25.03 1.16
CA ALA A 227 5.25 24.18 0.76
C ALA A 227 4.08 25.03 0.26
N SER A 228 3.73 26.04 1.06
CA SER A 228 2.61 26.93 0.76
C SER A 228 2.85 27.71 -0.52
N ARG A 229 4.10 28.08 -0.77
CA ARG A 229 4.48 28.76 -2.01
C ARG A 229 4.34 27.83 -3.21
N MET A 230 4.73 26.58 -3.03
CA MET A 230 4.59 25.56 -4.06
C MET A 230 3.13 25.44 -4.45
N THR A 231 2.25 25.49 -3.46
CA THR A 231 0.81 25.43 -3.74
C THR A 231 0.36 26.46 -4.79
N MET A 232 0.84 27.68 -4.67
CA MET A 232 0.46 28.77 -5.56
C MET A 232 1.13 28.65 -6.94
N THR A 233 2.45 28.51 -6.91
CA THR A 233 3.22 28.43 -8.14
C THR A 233 2.76 27.26 -8.99
N ASN A 234 2.30 26.21 -8.33
CA ASN A 234 1.76 25.05 -9.02
C ASN A 234 0.56 25.41 -9.88
N MET A 235 -0.28 26.30 -9.35
CA MET A 235 -1.54 26.63 -10.02
C MET A 235 -1.44 27.86 -10.90
N ALA A 236 -0.25 28.44 -11.00
CA ALA A 236 -0.02 29.56 -11.93
C ALA A 236 -0.55 29.30 -13.36
N ILE A 237 -0.21 28.14 -13.93
CA ILE A 237 -0.61 27.83 -15.31
C ILE A 237 -2.12 27.65 -15.46
N GLU A 238 -2.83 27.53 -14.34
CA GLU A 238 -4.27 27.36 -14.37
C GLU A 238 -4.94 28.69 -14.72
N MET A 239 -4.18 29.76 -14.62
CA MET A 239 -4.63 31.06 -15.09
C MET A 239 -4.21 31.23 -16.54
N GLY A 240 -3.59 30.18 -17.08
CA GLY A 240 -3.06 30.21 -18.42
C GLY A 240 -1.63 30.74 -18.43
N GLY A 241 -1.13 31.08 -17.24
CA GLY A 241 0.19 31.66 -17.10
C GLY A 241 1.29 30.78 -17.65
N LYS A 242 2.40 31.40 -18.03
CA LYS A 242 3.55 30.65 -18.52
C LYS A 242 4.22 29.91 -17.37
N THR A 243 4.47 30.64 -16.30
CA THR A 243 4.98 30.05 -15.08
C THR A 243 4.67 30.92 -13.87
N GLY A 244 4.68 30.31 -12.69
CA GLY A 244 4.67 31.08 -11.47
C GLY A 244 6.10 31.24 -11.02
N ILE A 245 6.38 32.31 -10.29
CA ILE A 245 7.68 32.48 -9.68
C ILE A 245 7.56 33.28 -8.39
N ILE A 246 8.36 32.90 -7.40
CA ILE A 246 8.39 33.60 -6.13
C ILE A 246 9.84 33.88 -5.77
N GLU A 247 10.12 35.10 -5.35
CA GLU A 247 11.47 35.48 -5.02
C GLU A 247 11.96 34.71 -3.80
N PRO A 248 13.24 34.32 -3.82
CA PRO A 248 13.87 33.54 -2.75
C PRO A 248 14.19 34.35 -1.50
N ASP A 249 14.12 33.67 -0.36
CA ASP A 249 14.59 34.20 0.93
C ASP A 249 15.24 32.99 1.61
N GLU A 250 15.61 33.07 2.89
CA GLU A 250 16.42 31.99 3.44
C GLU A 250 15.61 30.78 3.89
N LYS A 251 14.29 30.84 3.76
CA LYS A 251 13.53 29.60 3.81
C LYS A 251 13.88 28.80 2.56
N THR A 252 13.92 29.51 1.44
CA THR A 252 14.23 28.93 0.14
C THR A 252 15.64 28.37 0.20
N ILE A 253 16.57 29.20 0.69
CA ILE A 253 17.97 28.84 0.82
C ILE A 253 18.16 27.63 1.73
N GLN A 254 17.56 27.67 2.91
CA GLN A 254 17.64 26.56 3.86
C GLN A 254 17.17 25.26 3.22
N TYR A 255 16.02 25.34 2.56
CA TYR A 255 15.43 24.18 1.89
C TYR A 255 16.38 23.60 0.85
N VAL A 256 16.85 24.47 -0.06
CA VAL A 256 17.70 24.02 -1.16
C VAL A 256 19.02 23.44 -0.66
N LYS A 257 19.66 24.14 0.27
CA LYS A 257 20.94 23.69 0.81
C LYS A 257 20.79 22.36 1.53
N GLU A 258 19.72 22.22 2.31
CA GLU A 258 19.47 20.99 3.06
C GLU A 258 19.27 19.84 2.09
N ALA A 259 18.47 20.06 1.05
CA ALA A 259 18.21 19.04 0.04
C ALA A 259 19.49 18.66 -0.72
N MET A 260 20.30 19.66 -1.04
CA MET A 260 21.55 19.45 -1.77
C MET A 260 22.54 18.63 -0.96
N LYS A 261 22.66 18.93 0.33
CA LYS A 261 23.61 18.19 1.15
C LYS A 261 23.09 16.79 1.41
N LYS A 262 21.78 16.66 1.55
CA LYS A 262 21.19 15.36 1.82
C LYS A 262 21.36 14.42 0.64
N HIS A 263 21.12 14.92 -0.57
CA HIS A 263 21.22 14.08 -1.75
C HIS A 263 22.51 14.22 -2.57
N GLY A 264 23.45 15.02 -2.08
CA GLY A 264 24.75 15.15 -2.74
C GLY A 264 24.67 15.82 -4.10
N THR A 265 23.63 16.63 -4.27
CA THR A 265 23.39 17.39 -5.49
C THR A 265 23.98 18.80 -5.40
N GLU A 266 24.80 19.00 -4.38
CA GLU A 266 25.44 20.28 -4.08
C GLU A 266 26.05 20.97 -5.29
N ARG A 267 25.88 22.28 -5.35
CA ARG A 267 26.38 23.13 -6.42
C ARG A 267 26.12 24.58 -6.07
N PRO A 268 27.04 25.48 -6.46
CA PRO A 268 26.84 26.89 -6.12
C PRO A 268 25.69 27.51 -6.88
N PHE A 269 25.07 28.52 -6.30
CA PHE A 269 24.02 29.26 -6.99
C PHE A 269 24.00 30.69 -6.49
N GLU A 270 23.42 31.58 -7.29
CA GLU A 270 23.24 32.96 -6.86
C GLU A 270 21.77 33.23 -6.62
N VAL A 271 21.49 34.17 -5.75
CA VAL A 271 20.12 34.48 -5.40
C VAL A 271 19.70 35.67 -6.22
N ILE A 272 18.87 35.41 -7.23
CA ILE A 272 18.44 36.45 -8.15
C ILE A 272 17.07 36.96 -7.72
N LYS A 273 17.00 38.27 -7.49
CA LYS A 273 15.77 38.89 -7.01
C LYS A 273 15.47 40.15 -7.80
N GLY A 274 14.20 40.45 -7.97
CA GLY A 274 13.75 41.53 -8.83
C GLY A 274 14.13 42.90 -8.31
N ASP A 275 14.25 43.85 -9.23
CA ASP A 275 14.57 45.24 -8.94
C ASP A 275 13.32 46.11 -9.01
N GLU A 276 13.32 47.20 -8.25
CA GLU A 276 12.21 48.15 -8.28
C GLU A 276 12.30 48.99 -9.54
N ASP A 277 13.34 48.73 -10.31
CA ASP A 277 13.55 49.30 -11.63
C ASP A 277 12.78 48.54 -12.71
N ALA A 278 11.96 47.59 -12.28
CA ALA A 278 11.19 46.77 -13.22
C ALA A 278 9.72 47.18 -13.22
N GLU A 279 9.07 46.96 -14.37
CA GLU A 279 7.67 47.34 -14.54
C GLU A 279 6.85 46.10 -14.85
N PHE A 280 5.55 46.16 -14.61
CA PHE A 280 4.70 44.99 -14.68
C PHE A 280 3.38 45.31 -15.38
N ALA A 281 3.05 44.52 -16.39
CA ALA A 281 1.68 44.45 -16.86
C ALA A 281 0.79 43.98 -15.72
N GLU A 282 -0.31 44.69 -15.47
CA GLU A 282 -1.33 44.23 -14.53
C GLU A 282 -0.85 43.89 -13.12
N VAL A 283 -0.20 44.83 -12.44
CA VAL A 283 0.07 44.64 -11.02
C VAL A 283 -1.27 44.52 -10.29
N TYR A 284 -1.46 43.43 -9.56
CA TYR A 284 -2.65 43.33 -8.75
C TYR A 284 -2.28 43.66 -7.32
N GLU A 285 -3.29 43.77 -6.47
CA GLU A 285 -3.06 43.90 -5.04
C GLU A 285 -4.11 43.04 -4.33
N ILE A 286 -3.65 42.08 -3.55
CA ILE A 286 -4.51 41.13 -2.86
C ILE A 286 -4.34 41.35 -1.38
N GLU A 287 -5.41 41.44 -0.61
CA GLU A 287 -5.18 41.54 0.81
C GLU A 287 -5.79 40.34 1.51
N ALA A 288 -4.89 39.61 2.17
CA ALA A 288 -5.13 38.28 2.68
C ALA A 288 -6.00 38.35 3.93
N ASP A 289 -6.16 39.56 4.45
CA ASP A 289 -7.07 39.81 5.56
C ASP A 289 -8.47 39.30 5.23
N LYS A 290 -9.04 39.80 4.14
CA LYS A 290 -10.43 39.55 3.83
C LYS A 290 -10.63 38.30 2.98
N ILE A 291 -9.54 37.58 2.72
CA ILE A 291 -9.66 36.29 2.06
C ILE A 291 -10.18 35.26 3.06
N GLU A 292 -11.21 34.54 2.66
CA GLU A 292 -11.79 33.50 3.50
C GLU A 292 -11.95 32.21 2.70
N PRO A 293 -12.15 31.06 3.40
CA PRO A 293 -12.10 29.78 2.69
C PRO A 293 -13.03 29.70 1.48
N VAL A 294 -12.48 29.27 0.36
CA VAL A 294 -13.22 29.24 -0.89
C VAL A 294 -13.32 27.84 -1.48
N PHE A 295 -13.93 27.79 -2.65
CA PHE A 295 -14.13 26.56 -3.40
C PHE A 295 -13.93 26.91 -4.86
N ALA A 296 -13.26 26.06 -5.62
CA ALA A 296 -13.34 26.19 -7.07
C ALA A 296 -14.46 25.27 -7.49
N CYS A 297 -15.57 25.87 -7.92
CA CYS A 297 -16.81 25.14 -8.13
C CYS A 297 -16.76 24.39 -9.47
N PRO A 298 -17.52 23.29 -9.59
CA PRO A 298 -17.32 22.24 -10.59
C PRO A 298 -17.10 22.66 -12.03
N HIS A 299 -16.19 21.92 -12.67
CA HIS A 299 -15.90 21.94 -14.10
C HIS A 299 -14.98 23.09 -14.51
N ASN A 300 -14.80 24.08 -13.63
CA ASN A 300 -13.89 25.18 -13.92
C ASN A 300 -13.15 25.69 -12.69
N VAL A 301 -11.85 25.90 -12.84
CA VAL A 301 -11.01 26.32 -11.72
C VAL A 301 -11.28 27.77 -11.33
N ASP A 302 -11.66 28.59 -12.30
CA ASP A 302 -11.67 30.04 -12.11
C ASP A 302 -12.96 30.67 -11.58
N ASN A 303 -14.05 29.91 -11.45
CA ASN A 303 -15.30 30.52 -10.95
C ASN A 303 -15.16 30.97 -9.48
N VAL A 304 -14.78 30.04 -8.61
CA VAL A 304 -14.37 30.34 -7.24
C VAL A 304 -15.41 31.09 -6.38
N LYS A 305 -16.43 30.37 -5.95
CA LYS A 305 -17.42 30.86 -4.99
C LYS A 305 -17.01 30.55 -3.54
N GLN A 306 -17.16 31.55 -2.66
CA GLN A 306 -16.84 31.42 -1.25
C GLN A 306 -17.63 30.30 -0.56
N ALA A 307 -17.02 29.68 0.45
CA ALA A 307 -17.54 28.49 1.12
C ALA A 307 -18.98 28.59 1.61
N ARG A 308 -19.32 29.71 2.24
CA ARG A 308 -20.66 29.87 2.84
C ARG A 308 -21.77 29.76 1.80
N GLU A 309 -21.54 30.31 0.61
CA GLU A 309 -22.56 30.39 -0.42
C GLU A 309 -23.07 29.02 -0.86
N VAL A 310 -22.14 28.09 -1.09
CA VAL A 310 -22.50 26.78 -1.62
C VAL A 310 -22.57 25.73 -0.50
N ALA A 311 -22.36 26.18 0.73
CA ALA A 311 -22.34 25.28 1.89
C ALA A 311 -23.65 24.50 2.06
N GLY A 312 -23.52 23.26 2.51
CA GLY A 312 -24.67 22.42 2.81
C GLY A 312 -24.94 21.27 1.86
N LYS A 313 -24.36 21.34 0.65
CA LYS A 313 -24.51 20.26 -0.33
C LYS A 313 -23.74 19.01 0.05
N PRO A 314 -24.42 17.84 0.07
CA PRO A 314 -23.81 16.55 0.44
C PRO A 314 -22.73 16.08 -0.53
N ILE A 315 -21.73 15.38 0.00
CA ILE A 315 -20.58 14.93 -0.78
C ILE A 315 -20.27 13.47 -0.48
N ASP A 316 -19.91 12.70 -1.51
CA ASP A 316 -19.54 11.30 -1.28
C ASP A 316 -18.04 11.03 -1.25
N GLN A 317 -17.22 12.04 -1.52
CA GLN A 317 -15.77 11.85 -1.46
C GLN A 317 -14.97 13.12 -1.16
N VAL A 318 -13.90 12.94 -0.39
CA VAL A 318 -12.91 13.98 -0.12
C VAL A 318 -11.53 13.45 -0.47
N PHE A 319 -10.80 14.20 -1.28
CA PHE A 319 -9.46 13.83 -1.67
C PHE A 319 -8.46 14.83 -1.11
N ILE A 320 -7.70 14.39 -0.11
CA ILE A 320 -6.71 15.23 0.54
C ILE A 320 -5.31 14.80 0.14
N GLY A 321 -4.51 15.75 -0.30
CA GLY A 321 -3.15 15.51 -0.75
C GLY A 321 -3.11 15.44 -2.26
N SER A 322 -2.06 16.01 -2.82
CA SER A 322 -1.89 16.13 -4.27
C SER A 322 -0.49 16.67 -4.49
N CYS A 323 -0.16 17.02 -5.73
CA CYS A 323 1.05 17.82 -5.91
C CYS A 323 0.81 19.25 -5.41
N THR A 324 -0.46 19.67 -5.34
CA THR A 324 -0.78 21.03 -4.91
C THR A 324 -0.72 21.19 -3.41
N ASN A 325 -1.61 20.51 -2.68
CA ASN A 325 -1.34 20.35 -1.27
C ASN A 325 -1.19 18.88 -0.91
N GLY A 326 0.02 18.36 -1.04
CA GLY A 326 0.33 17.01 -0.64
C GLY A 326 1.42 16.88 0.41
N ARG A 327 1.87 18.00 0.94
CA ARG A 327 3.07 17.99 1.77
C ARG A 327 2.71 17.86 3.26
N LEU A 328 3.75 17.79 4.09
CA LEU A 328 3.56 17.50 5.51
C LEU A 328 2.63 18.48 6.22
N GLU A 329 2.81 19.78 5.97
CA GLU A 329 1.99 20.78 6.64
C GLU A 329 0.49 20.64 6.30
N ASP A 330 0.20 20.26 5.06
CA ASP A 330 -1.17 20.03 4.61
C ASP A 330 -1.82 18.90 5.39
N LEU A 331 -1.14 17.75 5.41
CA LEU A 331 -1.60 16.57 6.15
C LEU A 331 -1.79 16.91 7.62
N ARG A 332 -0.87 17.72 8.13
CA ARG A 332 -0.86 18.11 9.54
C ARG A 332 -2.09 18.95 9.88
N MET A 333 -2.38 19.97 9.09
CA MET A 333 -3.53 20.82 9.38
C MET A 333 -4.84 20.06 9.17
N ALA A 334 -4.88 19.19 8.16
CA ALA A 334 -6.09 18.44 7.86
C ALA A 334 -6.40 17.45 8.97
N ILE A 335 -5.38 16.73 9.43
CA ILE A 335 -5.59 15.73 10.46
C ILE A 335 -5.86 16.43 11.78
N LYS A 336 -5.34 17.65 11.95
CA LYS A 336 -5.69 18.44 13.13
C LYS A 336 -7.19 18.70 13.16
N ILE A 337 -7.71 19.20 12.04
CA ILE A 337 -9.15 19.48 11.94
C ILE A 337 -9.97 18.23 12.20
N ILE A 338 -9.64 17.14 11.52
CA ILE A 338 -10.38 15.89 11.66
C ILE A 338 -10.36 15.39 13.10
N GLU A 339 -9.17 15.36 13.67
CA GLU A 339 -8.94 14.87 15.03
C GLU A 339 -9.73 15.65 16.06
N LYS A 340 -9.73 16.98 15.96
CA LYS A 340 -10.42 17.80 16.96
C LYS A 340 -11.92 17.46 17.02
N HIS A 341 -12.51 17.14 15.88
CA HIS A 341 -13.93 16.80 15.84
C HIS A 341 -14.17 15.29 15.89
N GLY A 342 -13.08 14.54 16.05
CA GLY A 342 -13.18 13.10 16.31
C GLY A 342 -13.69 12.20 15.19
N GLY A 343 -13.05 12.25 14.03
CA GLY A 343 -13.40 11.34 12.95
C GLY A 343 -14.16 11.96 11.79
N ILE A 344 -14.55 11.13 10.84
CA ILE A 344 -15.21 11.59 9.63
C ILE A 344 -16.64 11.04 9.53
N ALA A 345 -17.48 11.76 8.79
CA ALA A 345 -18.86 11.33 8.56
C ALA A 345 -18.85 10.00 7.81
N ASP A 346 -19.75 9.10 8.19
CA ASP A 346 -19.93 7.85 7.46
C ASP A 346 -20.51 8.08 6.08
N ASP A 347 -20.35 7.08 5.21
CA ASP A 347 -20.83 7.11 3.83
C ASP A 347 -20.15 8.22 3.05
N VAL A 348 -18.89 8.50 3.41
CA VAL A 348 -18.04 9.42 2.67
C VAL A 348 -16.65 8.79 2.50
N ARG A 349 -16.11 8.84 1.30
CA ARG A 349 -14.81 8.25 1.01
C ARG A 349 -13.68 9.27 1.12
N VAL A 350 -12.81 9.11 2.11
CA VAL A 350 -11.67 10.01 2.27
C VAL A 350 -10.36 9.37 1.81
N VAL A 351 -9.71 10.02 0.85
CA VAL A 351 -8.51 9.48 0.22
C VAL A 351 -7.32 10.41 0.45
N VAL A 352 -6.28 9.90 1.11
CA VAL A 352 -5.15 10.73 1.52
C VAL A 352 -3.88 10.33 0.77
N THR A 353 -3.34 11.27 -0.01
CA THR A 353 -2.24 10.98 -0.93
C THR A 353 -1.08 11.95 -0.75
N PRO A 354 -0.07 11.56 0.06
CA PRO A 354 1.15 12.35 0.21
C PRO A 354 1.81 12.61 -1.15
N ALA A 355 2.37 13.81 -1.32
CA ALA A 355 2.91 14.24 -2.61
C ALA A 355 4.12 13.42 -3.06
N SER A 356 4.80 12.79 -2.10
CA SER A 356 5.96 11.97 -2.44
C SER A 356 6.26 10.95 -1.34
N ARG A 357 7.28 10.13 -1.60
CA ARG A 357 7.69 9.10 -0.65
C ARG A 357 8.27 9.72 0.62
N GLU A 358 9.13 10.73 0.45
CA GLU A 358 9.68 11.45 1.59
C GLU A 358 8.59 12.04 2.48
N GLU A 359 7.63 12.73 1.88
CA GLU A 359 6.54 13.35 2.63
C GLU A 359 5.74 12.28 3.36
N TYR A 360 5.52 11.16 2.68
CA TYR A 360 4.84 10.02 3.27
C TYR A 360 5.58 9.51 4.49
N LEU A 361 6.90 9.37 4.38
CA LEU A 361 7.70 8.88 5.51
C LEU A 361 7.70 9.87 6.67
N LYS A 362 7.68 11.17 6.35
CA LYS A 362 7.59 12.18 7.40
C LYS A 362 6.29 12.03 8.15
N ALA A 363 5.21 11.90 7.40
CA ALA A 363 3.87 11.81 7.98
C ALA A 363 3.72 10.51 8.76
N LEU A 364 4.45 9.49 8.33
CA LEU A 364 4.44 8.19 8.99
C LEU A 364 5.13 8.27 10.33
N LYS A 365 6.37 8.78 10.30
CA LYS A 365 7.19 8.93 11.49
C LYS A 365 6.50 9.76 12.56
N GLU A 366 5.67 10.70 12.12
CA GLU A 366 5.02 11.65 13.02
C GLU A 366 3.68 11.12 13.55
N GLY A 367 3.27 9.94 13.12
CA GLY A 367 2.02 9.35 13.56
C GLY A 367 0.80 9.81 12.80
N ILE A 368 0.97 10.78 11.91
CA ILE A 368 -0.14 11.35 11.15
C ILE A 368 -0.87 10.32 10.28
N ILE A 369 -0.10 9.53 9.53
CA ILE A 369 -0.65 8.49 8.67
C ILE A 369 -1.58 7.57 9.44
N GLU A 370 -1.17 7.18 10.64
CA GLU A 370 -1.96 6.24 11.42
C GLU A 370 -3.18 6.90 12.02
N LYS A 371 -3.07 8.18 12.39
CA LYS A 371 -4.25 8.92 12.81
C LYS A 371 -5.30 8.90 11.68
N PHE A 372 -4.86 9.23 10.47
CA PHE A 372 -5.72 9.14 9.29
C PHE A 372 -6.37 7.77 9.12
N LEU A 373 -5.55 6.73 9.21
CA LEU A 373 -6.01 5.36 9.04
C LEU A 373 -7.07 5.00 10.08
N LYS A 374 -6.80 5.40 11.31
CA LYS A 374 -7.62 5.07 12.47
C LYS A 374 -8.97 5.78 12.44
N TYR A 375 -9.01 6.92 11.76
CA TYR A 375 -10.25 7.69 11.66
C TYR A 375 -11.10 7.26 10.47
N GLY A 376 -10.64 6.25 9.74
CA GLY A 376 -11.43 5.67 8.67
C GLY A 376 -11.01 6.07 7.26
N CYS A 377 -10.00 6.92 7.16
CA CYS A 377 -9.49 7.32 5.85
C CYS A 377 -8.59 6.24 5.27
N VAL A 378 -8.47 6.22 3.95
CA VAL A 378 -7.50 5.34 3.31
C VAL A 378 -6.34 6.19 2.82
N VAL A 379 -5.13 5.71 3.07
CA VAL A 379 -3.94 6.44 2.67
C VAL A 379 -3.23 5.68 1.56
N THR A 380 -2.90 6.40 0.49
CA THR A 380 -2.17 5.79 -0.62
C THR A 380 -0.68 6.00 -0.40
N ASN A 381 0.02 4.91 -0.14
CA ASN A 381 1.47 4.92 -0.12
C ASN A 381 1.96 5.00 -1.55
N PRO A 382 2.63 6.11 -1.91
CA PRO A 382 3.08 6.37 -3.28
C PRO A 382 4.09 5.36 -3.80
N SER A 383 4.72 4.60 -2.90
CA SER A 383 5.68 3.58 -3.30
C SER A 383 5.05 2.20 -3.43
N CYS A 384 3.76 2.12 -3.10
CA CYS A 384 3.05 0.84 -3.13
C CYS A 384 2.14 0.75 -4.35
N SER A 385 2.37 -0.25 -5.20
CA SER A 385 1.62 -0.36 -6.44
C SER A 385 0.17 -0.75 -6.15
N ALA A 386 -0.04 -1.55 -5.11
CA ALA A 386 -1.39 -1.85 -4.65
C ALA A 386 -2.14 -0.57 -4.27
N CYS A 387 -1.46 0.29 -3.53
CA CYS A 387 -2.01 1.59 -3.15
C CYS A 387 -2.30 2.43 -4.38
N MET A 388 -1.38 2.43 -5.34
CA MET A 388 -1.45 3.34 -6.47
C MET A 388 -2.46 2.92 -7.53
N GLY A 389 -2.76 1.63 -7.58
CA GLY A 389 -3.63 1.10 -8.62
C GLY A 389 -5.09 1.01 -8.21
N SER A 390 -5.36 1.25 -6.94
CA SER A 390 -6.71 1.15 -6.40
C SER A 390 -7.66 2.15 -7.07
N LEU A 391 -8.84 1.67 -7.43
CA LEU A 391 -9.84 2.49 -8.11
C LEU A 391 -10.81 3.13 -7.12
N TYR A 392 -10.53 2.96 -5.84
CA TYR A 392 -11.41 3.42 -4.74
C TYR A 392 -11.78 4.90 -4.84
N GLY A 393 -10.90 5.70 -5.44
CA GLY A 393 -11.13 7.13 -5.52
C GLY A 393 -11.73 7.61 -6.83
N VAL A 394 -12.15 6.67 -7.68
CA VAL A 394 -12.73 7.01 -8.96
C VAL A 394 -14.20 7.40 -8.83
N LEU A 395 -14.53 8.60 -9.27
CA LEU A 395 -15.88 9.12 -9.14
C LEU A 395 -16.84 8.51 -10.16
N GLY A 396 -17.98 8.03 -9.68
CA GLY A 396 -19.02 7.52 -10.55
C GLY A 396 -19.95 8.66 -10.91
N PRO A 397 -20.94 8.39 -11.78
CA PRO A 397 -21.90 9.42 -12.18
C PRO A 397 -22.72 9.92 -10.99
N GLY A 398 -22.95 11.24 -10.94
CA GLY A 398 -23.77 11.82 -9.89
C GLY A 398 -23.07 11.95 -8.56
N GLU A 399 -21.75 11.75 -8.55
CA GLU A 399 -20.99 11.84 -7.31
C GLU A 399 -20.27 13.17 -7.17
N VAL A 400 -20.22 13.67 -5.93
CA VAL A 400 -19.59 14.95 -5.63
C VAL A 400 -18.32 14.75 -4.82
N CYS A 401 -17.26 15.46 -5.20
CA CYS A 401 -15.97 15.31 -4.51
C CYS A 401 -15.31 16.65 -4.20
N VAL A 402 -14.81 16.78 -2.97
CA VAL A 402 -13.97 17.91 -2.61
C VAL A 402 -12.51 17.52 -2.73
N SER A 403 -11.77 18.16 -3.62
CA SER A 403 -10.39 17.76 -3.87
C SER A 403 -9.40 18.91 -3.60
N THR A 404 -8.23 18.56 -3.10
CA THR A 404 -7.18 19.54 -2.81
C THR A 404 -6.24 19.68 -4.01
N SER A 405 -6.62 19.07 -5.13
CA SER A 405 -5.79 19.08 -6.33
C SER A 405 -5.96 20.31 -7.24
N ASN A 406 -5.40 20.20 -8.43
CA ASN A 406 -5.31 21.30 -9.40
C ASN A 406 -6.54 21.58 -10.23
N ARG A 407 -7.24 20.52 -10.64
CA ARG A 407 -8.13 20.59 -11.79
C ARG A 407 -9.49 19.95 -11.56
N ASN A 408 -10.55 20.75 -11.70
CA ASN A 408 -11.92 20.27 -11.53
C ASN A 408 -12.72 19.96 -12.81
N PHE A 409 -12.09 20.01 -13.98
CA PHE A 409 -12.82 19.84 -15.24
C PHE A 409 -13.50 18.48 -15.35
N ARG A 410 -14.52 18.38 -16.20
CA ARG A 410 -15.32 17.17 -16.31
C ARG A 410 -14.52 15.90 -16.64
N GLY A 411 -14.76 14.86 -15.84
CA GLY A 411 -14.17 13.56 -16.06
C GLY A 411 -12.76 13.37 -15.53
N ARG A 412 -12.29 14.33 -14.75
CA ARG A 412 -10.90 14.38 -14.32
C ARG A 412 -10.58 13.25 -13.33
N GLN A 413 -11.40 13.12 -12.29
CA GLN A 413 -11.23 12.06 -11.31
C GLN A 413 -12.15 10.86 -11.53
N GLY A 414 -12.87 10.83 -12.65
CA GLY A 414 -13.91 9.83 -12.80
C GLY A 414 -14.88 10.16 -13.90
N SER A 415 -16.13 9.72 -13.73
CA SER A 415 -17.20 10.00 -14.67
C SER A 415 -17.35 11.49 -14.96
N LEU A 416 -17.77 11.81 -16.17
CA LEU A 416 -17.97 13.19 -16.58
C LEU A 416 -19.29 13.72 -16.04
N GLU A 417 -20.03 12.84 -15.37
CA GLU A 417 -21.25 13.20 -14.66
C GLU A 417 -20.99 13.36 -13.17
N ALA A 418 -19.71 13.37 -12.81
CA ALA A 418 -19.28 13.70 -11.46
C ALA A 418 -18.80 15.15 -11.40
N GLU A 419 -18.98 15.80 -10.26
CA GLU A 419 -18.47 17.16 -10.12
C GLU A 419 -17.46 17.26 -8.99
N ILE A 420 -16.58 18.25 -9.10
CA ILE A 420 -15.40 18.34 -8.26
C ILE A 420 -15.21 19.77 -7.78
N TYR A 421 -15.21 19.96 -6.46
CA TYR A 421 -14.90 21.25 -5.88
C TYR A 421 -13.45 21.25 -5.41
N LEU A 422 -12.74 22.36 -5.61
CA LEU A 422 -11.35 22.46 -5.15
C LEU A 422 -11.28 23.25 -3.86
N ALA A 423 -10.42 22.82 -2.94
CA ALA A 423 -10.32 23.46 -1.63
C ALA A 423 -8.94 23.30 -1.01
N SER A 424 -8.69 24.05 0.05
CA SER A 424 -7.49 23.89 0.85
C SER A 424 -7.67 22.65 1.74
N PRO A 425 -6.55 22.10 2.27
CA PRO A 425 -6.64 20.94 3.15
C PRO A 425 -7.56 21.13 4.35
N ILE A 426 -7.63 22.36 4.87
CA ILE A 426 -8.47 22.66 6.01
C ILE A 426 -9.95 22.55 5.64
N THR A 427 -10.34 23.29 4.62
CA THR A 427 -11.72 23.27 4.13
C THR A 427 -12.15 21.86 3.76
N ALA A 428 -11.25 21.16 3.08
CA ALA A 428 -11.50 19.78 2.65
C ALA A 428 -11.73 18.88 3.86
N ALA A 429 -10.83 18.97 4.83
CA ALA A 429 -10.94 18.18 6.06
C ALA A 429 -12.27 18.44 6.75
N ALA A 430 -12.66 19.71 6.85
CA ALA A 430 -13.95 20.07 7.42
C ALA A 430 -15.10 19.39 6.66
N CYS A 431 -15.01 19.39 5.33
CA CYS A 431 -16.01 18.72 4.50
C CYS A 431 -16.05 17.22 4.79
N ALA A 432 -14.89 16.65 5.07
CA ALA A 432 -14.82 15.22 5.41
C ALA A 432 -15.43 14.97 6.77
N VAL A 433 -15.34 15.97 7.66
CA VAL A 433 -15.90 15.80 8.99
C VAL A 433 -17.40 15.78 8.98
N LYS A 434 -17.99 16.85 8.46
CA LYS A 434 -19.45 16.85 8.32
C LYS A 434 -20.06 15.92 7.23
N GLY A 435 -19.41 15.75 6.07
CA GLY A 435 -19.96 14.95 4.98
C GLY A 435 -20.79 15.60 3.89
N GLU A 436 -20.55 16.90 3.72
CA GLU A 436 -21.23 17.77 2.78
C GLU A 436 -20.35 19.01 2.59
N LEU A 437 -20.80 20.02 1.85
CA LEU A 437 -19.96 21.23 1.62
C LEU A 437 -19.96 22.28 2.77
N VAL A 438 -18.78 22.69 3.26
CA VAL A 438 -18.65 23.68 4.39
C VAL A 438 -17.77 24.87 4.30
N ASP A 439 -18.00 25.70 5.31
CA ASP A 439 -17.05 26.71 5.68
C ASP A 439 -16.43 26.22 6.98
N PRO A 440 -15.08 26.12 6.99
CA PRO A 440 -14.26 25.55 8.07
C PRO A 440 -14.53 26.08 9.47
N ARG A 441 -15.11 27.28 9.57
CA ARG A 441 -15.33 27.91 10.86
C ARG A 441 -16.61 27.42 11.51
N ASP A 442 -17.41 26.65 10.79
CA ASP A 442 -18.71 26.21 11.28
C ASP A 442 -18.69 24.75 11.69
N MET B 22 1.89 -47.90 14.68
CA MET B 22 2.33 -46.60 15.18
C MET B 22 2.24 -45.53 14.09
N THR B 23 1.50 -44.46 14.37
CA THR B 23 1.14 -43.45 13.38
C THR B 23 2.34 -42.53 13.09
N ILE B 24 2.20 -41.64 12.11
CA ILE B 24 3.20 -40.63 11.83
C ILE B 24 3.32 -39.69 13.02
N VAL B 25 2.16 -39.24 13.52
CA VAL B 25 2.10 -38.38 14.69
C VAL B 25 2.77 -39.07 15.86
N GLU B 26 2.72 -40.39 15.89
CA GLU B 26 3.36 -41.17 16.93
C GLU B 26 4.87 -41.41 16.69
N LYS B 27 5.26 -41.61 15.43
CA LYS B 27 6.66 -41.89 15.13
C LYS B 27 7.56 -40.66 15.22
N ILE B 28 7.02 -39.49 14.88
CA ILE B 28 7.77 -38.24 15.01
C ILE B 28 8.17 -38.05 16.48
N LEU B 29 7.19 -38.16 17.37
CA LEU B 29 7.39 -38.06 18.81
C LEU B 29 8.23 -39.21 19.36
N ALA B 30 8.19 -40.36 18.70
CA ALA B 30 8.98 -41.50 19.15
C ALA B 30 10.45 -41.18 18.93
N LYS B 31 10.75 -40.71 17.73
CA LYS B 31 12.10 -40.28 17.39
C LYS B 31 12.56 -39.09 18.23
N ALA B 32 11.67 -38.14 18.45
CA ALA B 32 11.99 -36.91 19.17
C ALA B 32 12.26 -37.17 20.65
N SER B 33 11.35 -37.90 21.28
CA SER B 33 11.46 -38.27 22.68
C SER B 33 12.71 -39.13 22.88
N GLY B 34 13.05 -39.94 21.87
CA GLY B 34 14.26 -40.73 21.91
C GLY B 34 14.25 -42.23 22.12
N LYS B 35 13.10 -42.90 22.00
CA LYS B 35 13.12 -44.37 21.94
C LYS B 35 11.96 -44.88 21.07
N LYS B 36 12.01 -46.13 20.62
CA LYS B 36 11.39 -46.59 19.35
C LYS B 36 9.95 -47.09 19.38
N GLU B 37 9.24 -46.87 20.49
CA GLU B 37 7.82 -47.11 20.42
C GLU B 37 7.13 -46.16 21.38
N VAL B 38 5.93 -45.75 21.00
CA VAL B 38 5.12 -44.87 21.82
C VAL B 38 3.65 -45.10 21.49
N SER B 39 2.80 -44.94 22.49
CA SER B 39 1.36 -45.15 22.33
C SER B 39 0.62 -43.84 22.61
N PRO B 40 -0.60 -43.70 22.07
CA PRO B 40 -1.40 -42.53 22.44
C PRO B 40 -1.70 -42.50 23.94
N GLY B 41 -1.71 -41.31 24.52
CA GLY B 41 -1.92 -41.14 25.94
C GLY B 41 -0.61 -41.17 26.71
N ASP B 42 0.39 -41.80 26.12
CA ASP B 42 1.73 -41.85 26.68
C ASP B 42 2.25 -40.41 26.74
N ILE B 43 3.13 -40.13 27.69
CA ILE B 43 3.60 -38.76 27.86
C ILE B 43 5.13 -38.71 27.81
N VAL B 44 5.65 -37.91 26.88
CA VAL B 44 7.09 -37.94 26.61
C VAL B 44 7.70 -36.56 26.54
N MET B 45 9.03 -36.51 26.62
CA MET B 45 9.75 -35.26 26.47
C MET B 45 10.45 -35.24 25.12
N ALA B 46 9.98 -34.39 24.22
CA ALA B 46 10.46 -34.38 22.85
C ALA B 46 11.35 -33.18 22.58
N ASN B 47 12.33 -33.37 21.70
CA ASN B 47 13.22 -32.31 21.27
C ASN B 47 12.58 -31.43 20.20
N ILE B 48 12.70 -30.12 20.37
CA ILE B 48 12.08 -29.17 19.46
C ILE B 48 13.02 -28.82 18.31
N ASP B 49 12.52 -28.91 17.08
CA ASP B 49 13.31 -28.52 15.93
C ASP B 49 13.28 -27.01 15.69
N VAL B 50 12.11 -26.40 15.86
CA VAL B 50 12.00 -24.96 15.71
C VAL B 50 10.88 -24.41 16.61
N ALA B 51 11.13 -23.24 17.17
CA ALA B 51 10.13 -22.56 17.99
C ALA B 51 9.98 -21.12 17.50
N MET B 52 8.73 -20.69 17.36
CA MET B 52 8.45 -19.38 16.76
C MET B 52 7.58 -18.50 17.65
N VAL B 53 7.97 -17.24 17.79
CA VAL B 53 7.17 -16.25 18.50
C VAL B 53 7.01 -14.96 17.69
N HIS B 54 5.88 -14.31 17.84
CA HIS B 54 5.56 -13.17 16.96
C HIS B 54 5.29 -11.84 17.67
N ASP B 55 4.16 -11.62 18.34
CA ASP B 55 3.96 -10.26 18.85
C ASP B 55 4.10 -10.06 20.38
N ILE B 56 3.09 -10.43 21.15
CA ILE B 56 3.11 -10.24 22.61
C ILE B 56 3.82 -11.40 23.31
N THR B 57 3.65 -12.58 22.73
CA THR B 57 4.17 -13.81 23.29
C THR B 57 5.68 -13.79 23.35
N GLY B 58 6.32 -13.00 22.49
CA GLY B 58 7.76 -12.87 22.53
C GLY B 58 8.28 -12.20 23.78
N PRO B 59 7.84 -10.96 24.05
CA PRO B 59 8.17 -10.27 25.31
C PRO B 59 7.78 -11.08 26.52
N LEU B 60 6.57 -11.64 26.50
CA LEU B 60 6.13 -12.50 27.58
C LEU B 60 7.15 -13.62 27.82
N THR B 61 7.47 -14.34 26.74
CA THR B 61 8.40 -15.45 26.80
C THR B 61 9.78 -15.03 27.32
N VAL B 62 10.25 -13.85 26.96
CA VAL B 62 11.55 -13.38 27.42
C VAL B 62 11.57 -13.06 28.92
N ASN B 63 10.61 -12.25 29.37
CA ASN B 63 10.53 -11.88 30.78
C ASN B 63 10.33 -13.12 31.64
N THR B 64 9.33 -13.90 31.23
CA THR B 64 9.00 -15.18 31.84
C THR B 64 10.18 -16.10 31.74
N LEU B 65 11.03 -15.87 30.75
CA LEU B 65 12.13 -16.79 30.56
C LEU B 65 12.93 -16.44 31.75
N LYS B 66 13.58 -15.28 31.78
CA LYS B 66 14.26 -15.08 33.04
C LYS B 66 13.82 -13.96 33.90
N GLU B 67 12.88 -14.38 34.73
CA GLU B 67 12.83 -14.09 36.13
C GLU B 67 13.34 -15.39 36.81
N TYR B 68 13.59 -16.40 35.97
CA TYR B 68 14.03 -17.76 36.35
C TYR B 68 15.55 -17.96 36.56
N GLY B 69 16.38 -17.27 35.77
CA GLY B 69 17.85 -17.35 35.86
C GLY B 69 18.78 -18.00 34.83
N ILE B 70 18.26 -18.54 33.74
CA ILE B 70 19.11 -18.88 32.55
C ILE B 70 19.43 -17.66 31.68
N GLU B 71 20.66 -17.24 31.45
CA GLU B 71 20.69 -16.13 30.48
C GLU B 71 20.79 -16.59 29.03
N LYS B 72 21.18 -17.84 28.83
CA LYS B 72 21.42 -18.36 27.49
C LYS B 72 20.31 -19.27 26.97
N VAL B 73 19.75 -18.98 25.80
CA VAL B 73 18.82 -19.90 25.16
C VAL B 73 19.56 -21.16 24.71
N TRP B 74 18.81 -22.24 24.57
CA TRP B 74 19.39 -23.54 24.26
C TRP B 74 20.07 -23.57 22.88
N ASN B 75 19.33 -23.17 21.85
CA ASN B 75 19.82 -23.20 20.47
C ASN B 75 19.35 -21.96 19.72
N PRO B 76 20.15 -20.89 19.75
CA PRO B 76 19.77 -19.59 19.17
C PRO B 76 19.43 -19.63 17.68
N GLU B 77 19.81 -20.70 16.99
CA GLU B 77 19.50 -20.81 15.55
C GLU B 77 18.21 -21.60 15.29
N LYS B 78 17.62 -22.15 16.34
CA LYS B 78 16.34 -22.85 16.22
C LYS B 78 15.15 -21.99 16.65
N ILE B 79 15.41 -20.72 16.93
CA ILE B 79 14.35 -19.79 17.34
C ILE B 79 14.04 -18.74 16.27
N VAL B 80 12.76 -18.59 15.94
CA VAL B 80 12.30 -17.60 14.98
C VAL B 80 11.40 -16.56 15.64
N ILE B 81 11.75 -15.29 15.51
CA ILE B 81 11.05 -14.22 16.19
C ILE B 81 10.52 -13.18 15.19
N LEU B 82 9.48 -12.44 15.56
CA LEU B 82 8.92 -11.43 14.66
C LEU B 82 8.97 -9.98 15.20
N PHE B 83 9.37 -9.05 14.33
CA PHE B 83 9.54 -7.63 14.69
C PHE B 83 8.66 -6.66 13.90
N ASP B 84 8.88 -5.37 14.16
CA ASP B 84 8.36 -4.29 13.31
C ASP B 84 9.51 -3.45 12.75
N ASN B 97 5.96 -1.66 23.68
CA ASN B 97 7.09 -1.04 22.99
C ASN B 97 8.14 -2.09 22.58
N HIS B 98 9.06 -1.65 21.72
CA HIS B 98 9.93 -2.52 20.93
C HIS B 98 11.12 -3.13 21.70
N ILE B 99 11.86 -2.27 22.40
CA ILE B 99 13.30 -2.45 22.68
C ILE B 99 13.72 -3.82 23.22
N LEU B 100 12.94 -4.37 24.16
CA LEU B 100 13.31 -5.63 24.80
C LEU B 100 13.57 -6.75 23.80
N MET B 101 12.79 -6.79 22.72
CA MET B 101 12.91 -7.84 21.71
C MET B 101 14.18 -7.67 20.87
N ARG B 102 14.39 -6.43 20.41
CA ARG B 102 15.67 -6.01 19.84
C ARG B 102 16.82 -6.59 20.62
N LYS B 103 16.94 -6.11 21.84
CA LYS B 103 18.08 -6.45 22.68
C LYS B 103 18.12 -7.94 23.02
N PHE B 104 16.97 -8.60 23.02
CA PHE B 104 16.96 -10.04 23.28
C PHE B 104 17.58 -10.81 22.13
N VAL B 105 17.19 -10.47 20.91
CA VAL B 105 17.73 -11.15 19.75
C VAL B 105 19.22 -10.84 19.62
N LYS B 106 19.61 -9.63 20.01
CA LYS B 106 21.02 -9.27 19.90
C LYS B 106 21.89 -9.92 20.99
N GLU B 107 21.39 -9.96 22.22
CA GLU B 107 22.14 -10.56 23.32
C GLU B 107 22.31 -12.06 23.10
N GLN B 108 21.26 -12.69 22.57
CA GLN B 108 21.36 -14.08 22.13
C GLN B 108 21.98 -14.09 20.75
N GLY B 109 22.19 -15.28 20.20
CA GLY B 109 22.78 -15.42 18.88
C GLY B 109 21.73 -15.63 17.82
N ILE B 110 20.52 -15.17 18.07
CA ILE B 110 19.37 -15.57 17.26
C ILE B 110 19.45 -15.08 15.83
N LYS B 111 19.47 -16.02 14.91
CA LYS B 111 19.66 -15.74 13.49
C LYS B 111 18.38 -15.29 12.80
N TYR B 112 17.29 -15.98 13.09
CA TYR B 112 16.09 -15.76 12.31
C TYR B 112 15.11 -14.86 13.03
N PHE B 113 15.07 -13.62 12.55
CA PHE B 113 14.13 -12.63 13.01
C PHE B 113 13.65 -11.87 11.79
N TYR B 114 12.34 -11.87 11.58
CA TYR B 114 11.80 -11.25 10.38
C TYR B 114 10.86 -10.12 10.76
N ASP B 115 10.80 -9.11 9.89
CA ASP B 115 9.91 -8.00 10.12
C ASP B 115 8.48 -8.41 9.80
N ILE B 116 7.52 -7.69 10.36
CA ILE B 116 6.10 -8.00 10.17
C ILE B 116 5.67 -7.78 8.73
N ARG B 117 6.56 -7.24 7.90
CA ARG B 117 6.22 -6.95 6.51
C ARG B 117 6.51 -8.14 5.58
N GLU B 118 6.86 -9.28 6.17
CA GLU B 118 6.86 -10.55 5.46
C GLU B 118 5.44 -11.14 5.39
N GLY B 119 4.51 -10.45 6.03
CA GLY B 119 3.12 -10.89 6.15
C GLY B 119 2.79 -11.40 7.54
N VAL B 120 1.54 -11.20 7.94
CA VAL B 120 1.09 -11.44 9.30
C VAL B 120 0.82 -12.92 9.57
N CYS B 121 0.85 -13.73 8.52
CA CYS B 121 0.40 -15.12 8.64
C CYS B 121 1.54 -16.09 8.96
N HIS B 122 1.20 -17.37 8.93
CA HIS B 122 2.13 -18.46 9.23
C HIS B 122 3.04 -18.74 8.06
N GLN B 123 2.63 -18.24 6.89
CA GLN B 123 3.28 -18.52 5.62
C GLN B 123 4.80 -18.36 5.72
N VAL B 124 5.23 -17.36 6.47
CA VAL B 124 6.65 -17.05 6.65
C VAL B 124 7.50 -18.24 7.10
N LEU B 125 7.01 -19.01 8.06
CA LEU B 125 7.82 -20.07 8.66
C LEU B 125 8.17 -21.20 7.67
N PRO B 126 7.17 -21.80 6.99
CA PRO B 126 7.58 -22.80 5.99
C PRO B 126 8.23 -22.20 4.75
N GLU B 127 7.88 -20.95 4.45
CA GLU B 127 8.39 -20.25 3.27
C GLU B 127 9.91 -20.16 3.27
N LYS B 128 10.48 -20.00 4.45
CA LYS B 128 11.92 -19.84 4.61
C LYS B 128 12.62 -21.17 4.90
N GLY B 129 11.86 -22.26 4.86
CA GLY B 129 12.42 -23.59 5.06
C GLY B 129 12.59 -24.00 6.51
N HIS B 130 11.84 -23.38 7.41
CA HIS B 130 11.96 -23.69 8.83
C HIS B 130 11.07 -24.85 9.25
N VAL B 131 10.26 -25.35 8.34
CA VAL B 131 9.41 -26.50 8.62
C VAL B 131 9.74 -27.65 7.67
N ALA B 132 10.34 -28.71 8.22
CA ALA B 132 10.67 -29.89 7.44
C ALA B 132 9.91 -31.10 7.96
N PRO B 133 9.70 -32.11 7.10
CA PRO B 133 9.05 -33.36 7.51
C PRO B 133 9.72 -34.02 8.72
N GLY B 134 8.93 -34.78 9.48
CA GLY B 134 9.42 -35.48 10.65
C GLY B 134 10.04 -34.58 11.70
N GLU B 135 9.53 -33.36 11.81
CA GLU B 135 10.04 -32.40 12.78
C GLU B 135 8.97 -32.01 13.78
N VAL B 136 9.41 -31.49 14.92
CA VAL B 136 8.49 -30.98 15.93
C VAL B 136 8.56 -29.46 15.97
N VAL B 137 7.45 -28.84 15.60
CA VAL B 137 7.34 -27.40 15.46
C VAL B 137 6.37 -26.84 16.48
N VAL B 138 6.80 -25.84 17.24
CA VAL B 138 5.91 -25.19 18.19
C VAL B 138 5.91 -23.70 17.94
N GLY B 139 4.75 -23.08 18.13
CA GLY B 139 4.62 -21.66 17.90
C GLY B 139 3.64 -21.05 18.87
N ALA B 140 3.65 -19.72 18.95
CA ALA B 140 2.75 -19.03 19.85
C ALA B 140 1.32 -19.03 19.33
N ASP B 141 1.17 -18.79 18.03
CA ASP B 141 -0.15 -18.68 17.43
C ASP B 141 -0.92 -20.01 17.48
N SER B 142 -2.24 -19.89 17.60
CA SER B 142 -3.16 -21.04 17.59
C SER B 142 -3.04 -21.92 16.35
N HIS B 143 -2.78 -21.28 15.22
CA HIS B 143 -2.89 -21.94 13.91
C HIS B 143 -1.58 -22.52 13.38
N THR B 144 -0.58 -22.62 14.24
CA THR B 144 0.69 -23.28 13.94
C THR B 144 0.47 -24.69 13.32
N CYS B 145 -0.67 -25.27 13.65
CA CYS B 145 -1.08 -26.58 13.11
C CYS B 145 -1.02 -26.62 11.58
N THR B 146 -1.09 -25.45 10.96
CA THR B 146 -1.00 -25.33 9.50
C THR B 146 0.19 -26.10 8.97
N HIS B 147 1.30 -26.03 9.71
CA HIS B 147 2.56 -26.57 9.23
C HIS B 147 2.58 -28.09 9.26
N GLY B 148 1.56 -28.66 9.88
CA GLY B 148 1.31 -30.08 9.78
C GLY B 148 1.19 -30.54 8.33
N ALA B 149 0.87 -29.61 7.44
CA ALA B 149 0.79 -29.92 6.00
C ALA B 149 2.10 -30.49 5.48
N PHE B 150 3.19 -30.20 6.18
CA PHE B 150 4.52 -30.57 5.72
C PHE B 150 5.01 -31.89 6.31
N GLY B 151 4.12 -32.59 7.02
CA GLY B 151 4.45 -33.87 7.61
C GLY B 151 5.26 -33.69 8.88
N ALA B 152 5.01 -32.58 9.56
CA ALA B 152 5.64 -32.32 10.84
C ALA B 152 4.58 -32.22 11.92
N PHE B 153 4.99 -32.44 13.17
CA PHE B 153 4.07 -32.34 14.27
C PHE B 153 4.15 -30.90 14.78
N ALA B 154 3.09 -30.13 14.53
CA ALA B 154 3.16 -28.68 14.75
C ALA B 154 2.01 -28.19 15.61
N THR B 155 2.34 -27.50 16.70
CA THR B 155 1.33 -27.07 17.66
C THR B 155 1.57 -25.66 18.20
N GLY B 156 0.49 -24.99 18.55
CA GLY B 156 0.57 -23.74 19.28
C GLY B 156 0.70 -24.03 20.77
N ILE B 157 1.50 -23.24 21.47
CA ILE B 157 1.65 -23.41 22.91
C ILE B 157 1.62 -22.05 23.62
N GLY B 158 1.36 -22.07 24.92
CA GLY B 158 1.29 -20.86 25.71
C GLY B 158 2.67 -20.30 26.01
N SER B 159 2.71 -19.19 26.74
CA SER B 159 3.96 -18.47 26.98
C SER B 159 4.91 -19.24 27.90
N THR B 160 4.35 -19.94 28.90
CA THR B 160 5.18 -20.67 29.86
C THR B 160 5.85 -21.87 29.19
N ASP B 161 5.07 -22.64 28.45
CA ASP B 161 5.60 -23.74 27.65
C ASP B 161 6.74 -23.27 26.76
N MET B 162 6.50 -22.15 26.07
CA MET B 162 7.49 -21.56 25.18
C MET B 162 8.74 -21.13 25.94
N ALA B 163 8.57 -20.64 27.16
CA ALA B 163 9.70 -20.28 27.99
C ALA B 163 10.54 -21.51 28.32
N HIS B 164 9.85 -22.62 28.61
CA HIS B 164 10.55 -23.86 28.86
C HIS B 164 11.31 -24.31 27.62
N VAL B 165 10.66 -24.22 26.47
CA VAL B 165 11.28 -24.59 25.20
C VAL B 165 12.54 -23.76 24.95
N PHE B 166 12.43 -22.45 25.14
CA PHE B 166 13.57 -21.55 24.99
C PHE B 166 14.70 -21.99 25.91
N ALA B 167 14.35 -22.41 27.12
CA ALA B 167 15.38 -22.81 28.09
C ALA B 167 16.04 -24.16 27.74
N THR B 168 15.24 -25.20 27.61
CA THR B 168 15.74 -26.57 27.43
C THR B 168 15.71 -27.16 26.03
N GLY B 169 15.06 -26.48 25.09
CA GLY B 169 14.79 -27.06 23.78
C GLY B 169 14.06 -28.39 23.77
N LYS B 170 13.32 -28.66 24.84
CA LYS B 170 12.45 -29.83 24.89
C LYS B 170 11.09 -29.43 25.41
N LEU B 171 10.09 -30.28 25.19
CA LEU B 171 8.78 -30.02 25.78
C LEU B 171 8.04 -31.32 26.05
N TRP B 172 7.13 -31.28 27.01
CA TRP B 172 6.29 -32.43 27.32
C TRP B 172 5.15 -32.51 26.33
N PHE B 173 4.85 -33.72 25.90
CA PHE B 173 3.74 -33.96 24.99
C PHE B 173 2.98 -35.18 25.44
N LYS B 174 1.67 -34.99 25.61
CA LYS B 174 0.78 -36.13 25.73
C LYS B 174 0.54 -36.62 24.32
N VAL B 175 0.96 -37.85 24.06
CA VAL B 175 0.80 -38.40 22.72
C VAL B 175 -0.68 -38.57 22.41
N PRO B 176 -1.16 -37.79 21.42
CA PRO B 176 -2.54 -37.98 21.00
C PRO B 176 -2.58 -39.16 20.04
N GLU B 177 -3.73 -39.43 19.45
CA GLU B 177 -3.78 -40.41 18.37
C GLU B 177 -4.46 -39.74 17.18
N THR B 178 -4.03 -40.10 15.97
CA THR B 178 -4.67 -39.53 14.80
C THR B 178 -6.04 -40.13 14.56
N ILE B 179 -6.99 -39.26 14.22
CA ILE B 179 -8.21 -39.69 13.57
C ILE B 179 -7.95 -39.43 12.09
N TYR B 180 -7.98 -40.52 11.33
CA TYR B 180 -7.63 -40.49 9.92
C TYR B 180 -8.82 -40.16 9.04
N PHE B 181 -8.66 -39.11 8.23
CA PHE B 181 -9.62 -38.78 7.21
C PHE B 181 -9.08 -39.28 5.88
N ASN B 182 -9.71 -40.34 5.37
CA ASN B 182 -9.32 -40.89 4.08
C ASN B 182 -10.19 -40.29 3.00
N ILE B 183 -9.58 -39.44 2.18
CA ILE B 183 -10.30 -38.70 1.17
C ILE B 183 -9.96 -39.26 -0.20
N THR B 184 -10.99 -39.76 -0.89
CA THR B 184 -10.77 -40.38 -2.18
C THR B 184 -11.72 -39.78 -3.21
N GLY B 185 -11.37 -39.97 -4.48
CA GLY B 185 -12.14 -39.41 -5.57
C GLY B 185 -11.52 -38.13 -6.09
N ASP B 186 -12.06 -37.62 -7.20
CA ASP B 186 -11.54 -36.39 -7.79
C ASP B 186 -12.44 -35.21 -7.46
N LEU B 187 -11.82 -34.09 -7.12
CA LEU B 187 -12.58 -32.85 -6.92
C LEU B 187 -13.21 -32.43 -8.24
N GLN B 188 -14.51 -32.15 -8.19
CA GLN B 188 -15.21 -31.63 -9.36
C GLN B 188 -14.79 -30.18 -9.55
N PRO B 189 -15.02 -29.63 -10.75
CA PRO B 189 -14.68 -28.21 -10.95
C PRO B 189 -15.41 -27.30 -9.98
N TYR B 190 -14.84 -26.13 -9.73
CA TYR B 190 -15.38 -25.15 -8.78
C TYR B 190 -15.43 -25.68 -7.35
N VAL B 191 -14.61 -26.68 -7.06
CA VAL B 191 -14.54 -27.25 -5.72
C VAL B 191 -13.09 -27.37 -5.26
N THR B 192 -12.80 -26.84 -4.07
CA THR B 192 -11.43 -26.72 -3.59
C THR B 192 -11.30 -27.40 -2.22
N SER B 193 -10.07 -27.60 -1.78
CA SER B 193 -9.79 -28.21 -0.48
C SER B 193 -10.49 -27.47 0.66
N LYS B 194 -10.78 -26.19 0.45
CA LYS B 194 -11.54 -25.42 1.42
C LYS B 194 -12.92 -26.02 1.63
N ASP B 195 -13.60 -26.35 0.54
CA ASP B 195 -14.90 -27.00 0.62
C ASP B 195 -14.79 -28.36 1.31
N VAL B 196 -13.70 -29.05 1.05
CA VAL B 196 -13.44 -30.35 1.66
C VAL B 196 -13.34 -30.26 3.17
N ILE B 197 -12.42 -29.42 3.64
CA ILE B 197 -12.19 -29.27 5.07
C ILE B 197 -13.42 -28.69 5.76
N LEU B 198 -14.14 -27.81 5.05
CA LEU B 198 -15.34 -27.21 5.60
C LEU B 198 -16.43 -28.26 5.77
N SER B 199 -16.52 -29.19 4.82
CA SER B 199 -17.46 -30.29 4.92
C SER B 199 -17.12 -31.17 6.11
N ILE B 200 -15.85 -31.55 6.20
CA ILE B 200 -15.36 -32.35 7.33
C ILE B 200 -15.73 -31.71 8.68
N ILE B 201 -15.34 -30.46 8.86
CA ILE B 201 -15.68 -29.69 10.05
C ILE B 201 -17.19 -29.72 10.27
N GLY B 202 -17.92 -29.62 9.18
CA GLY B 202 -19.36 -29.51 9.24
C GLY B 202 -20.05 -30.75 9.74
N GLU B 203 -19.46 -31.92 9.47
CA GLU B 203 -20.05 -33.12 10.04
C GLU B 203 -19.42 -33.55 11.36
N VAL B 204 -18.26 -32.98 11.73
CA VAL B 204 -17.73 -33.29 13.06
C VAL B 204 -17.91 -32.23 14.15
N GLY B 205 -18.40 -31.04 13.80
CA GLY B 205 -18.60 -30.00 14.79
C GLY B 205 -17.34 -29.34 15.32
N VAL B 206 -17.52 -28.18 15.97
CA VAL B 206 -16.44 -27.37 16.55
C VAL B 206 -15.62 -28.08 17.65
N ASP B 207 -16.14 -29.17 18.20
CA ASP B 207 -15.42 -29.90 19.24
C ASP B 207 -15.54 -31.40 19.02
N GLY B 208 -14.49 -32.16 19.36
CA GLY B 208 -14.52 -33.59 19.10
C GLY B 208 -14.47 -33.90 17.62
N ALA B 209 -13.34 -33.65 16.94
CA ALA B 209 -11.97 -33.81 17.48
C ALA B 209 -11.48 -32.75 18.45
N THR B 210 -11.03 -33.18 19.63
CA THR B 210 -10.58 -32.24 20.64
C THR B 210 -9.15 -32.45 21.10
N TYR B 211 -8.90 -33.60 21.73
CA TYR B 211 -7.59 -33.89 22.29
C TYR B 211 -6.74 -34.65 21.27
N LYS B 212 -7.28 -34.77 20.06
CA LYS B 212 -6.72 -35.68 19.07
C LYS B 212 -6.27 -34.96 17.79
N ALA B 213 -5.38 -35.62 17.07
CA ALA B 213 -4.78 -35.03 15.87
C ALA B 213 -5.50 -35.49 14.62
N CYS B 214 -5.83 -34.54 13.75
CA CYS B 214 -6.54 -34.86 12.52
C CYS B 214 -5.56 -35.12 11.38
N GLN B 215 -5.54 -36.35 10.86
CA GLN B 215 -4.60 -36.67 9.79
C GLN B 215 -5.32 -36.88 8.46
N PHE B 216 -4.93 -36.10 7.45
CA PHE B 216 -5.59 -36.18 6.14
C PHE B 216 -4.78 -36.98 5.15
N GLY B 217 -5.45 -37.85 4.41
CA GLY B 217 -4.77 -38.78 3.51
C GLY B 217 -5.68 -39.25 2.40
N GLY B 218 -5.20 -40.22 1.63
CA GLY B 218 -5.95 -40.73 0.49
C GLY B 218 -5.45 -40.14 -0.80
N GLU B 219 -6.14 -40.42 -1.91
CA GLU B 219 -5.67 -39.99 -3.22
C GLU B 219 -5.96 -38.51 -3.45
N THR B 220 -7.09 -38.04 -2.93
CA THR B 220 -7.49 -36.65 -3.12
C THR B 220 -6.51 -35.70 -2.44
N VAL B 221 -5.87 -36.20 -1.39
CA VAL B 221 -4.88 -35.42 -0.65
C VAL B 221 -3.54 -35.43 -1.38
N LYS B 222 -3.18 -36.58 -1.95
CA LYS B 222 -1.94 -36.67 -2.70
C LYS B 222 -2.00 -35.89 -4.00
N LYS B 223 -3.22 -35.66 -4.51
CA LYS B 223 -3.37 -34.90 -5.73
C LYS B 223 -3.34 -33.38 -5.52
N MET B 224 -3.81 -32.90 -4.36
CA MET B 224 -3.85 -31.46 -4.15
C MET B 224 -2.45 -30.88 -3.91
N SER B 225 -2.31 -29.59 -4.19
CA SER B 225 -1.05 -28.87 -3.99
C SER B 225 -0.78 -28.62 -2.51
N ILE B 226 0.49 -28.31 -2.20
CA ILE B 226 0.90 -27.99 -0.84
C ILE B 226 0.05 -26.85 -0.28
N ALA B 227 -0.21 -25.84 -1.10
CA ALA B 227 -1.09 -24.74 -0.72
C ALA B 227 -2.45 -25.27 -0.25
N SER B 228 -3.01 -26.16 -1.07
CA SER B 228 -4.33 -26.74 -0.81
C SER B 228 -4.33 -27.55 0.49
N ARG B 229 -3.22 -28.21 0.77
CA ARG B 229 -3.04 -28.95 2.02
C ARG B 229 -2.96 -28.03 3.23
N MET B 230 -2.26 -26.91 3.05
CA MET B 230 -2.13 -25.90 4.08
C MET B 230 -3.52 -25.40 4.44
N THR B 231 -4.36 -25.22 3.43
CA THR B 231 -5.74 -24.80 3.66
C THR B 231 -6.47 -25.67 4.70
N MET B 232 -6.30 -26.99 4.58
CA MET B 232 -6.98 -27.93 5.46
C MET B 232 -6.34 -27.99 6.87
N THR B 233 -5.03 -28.18 6.89
CA THR B 233 -4.31 -28.31 8.15
C THR B 233 -4.50 -27.05 8.98
N ASN B 234 -4.63 -25.92 8.29
CA ASN B 234 -4.90 -24.65 8.93
C ASN B 234 -6.19 -24.67 9.74
N MET B 235 -7.21 -25.33 9.21
CA MET B 235 -8.52 -25.33 9.83
C MET B 235 -8.76 -26.54 10.72
N ALA B 236 -7.75 -27.41 10.83
CA ALA B 236 -7.85 -28.55 11.76
C ALA B 236 -8.32 -28.16 13.18
N ILE B 237 -7.71 -27.14 13.78
CA ILE B 237 -8.06 -26.74 15.15
C ILE B 237 -9.46 -26.16 15.27
N GLU B 238 -10.09 -25.86 14.15
CA GLU B 238 -11.44 -25.31 14.15
C GLU B 238 -12.45 -26.40 14.49
N MET B 239 -12.01 -27.65 14.40
CA MET B 239 -12.80 -28.78 14.87
C MET B 239 -12.48 -29.04 16.32
N GLY B 240 -11.60 -28.21 16.88
CA GLY B 240 -11.11 -28.40 18.23
C GLY B 240 -9.87 -29.27 18.25
N GLY B 241 -9.42 -29.69 17.07
CA GLY B 241 -8.27 -30.57 16.94
C GLY B 241 -7.01 -30.03 17.58
N LYS B 242 -6.12 -30.94 17.98
CA LYS B 242 -4.86 -30.54 18.58
C LYS B 242 -3.95 -29.97 17.48
N THR B 243 -3.84 -30.72 16.39
CA THR B 243 -3.14 -30.27 15.20
C THR B 243 -3.62 -31.04 13.98
N GLY B 244 -3.42 -30.46 12.80
CA GLY B 244 -3.58 -31.21 11.57
C GLY B 244 -2.23 -31.74 11.14
N ILE B 245 -2.25 -32.85 10.40
CA ILE B 245 -1.02 -33.36 9.82
C ILE B 245 -1.33 -34.09 8.51
N ILE B 246 -0.44 -33.94 7.55
CA ILE B 246 -0.55 -34.63 6.27
C ILE B 246 0.77 -35.27 5.94
N GLU B 247 0.75 -36.53 5.51
CA GLU B 247 1.98 -37.23 5.20
C GLU B 247 2.67 -36.61 4.00
N PRO B 248 4.02 -36.55 4.04
CA PRO B 248 4.86 -35.96 3.01
C PRO B 248 5.00 -36.81 1.73
N ASP B 249 5.13 -36.13 0.59
CA ASP B 249 5.45 -36.74 -0.70
C ASP B 249 6.36 -35.78 -1.45
N GLU B 250 6.57 -35.97 -2.74
CA GLU B 250 7.64 -35.22 -3.39
C GLU B 250 7.26 -33.79 -3.73
N LYS B 251 5.99 -33.44 -3.55
CA LYS B 251 5.59 -32.03 -3.53
C LYS B 251 6.13 -31.38 -2.27
N THR B 252 5.97 -32.10 -1.16
CA THR B 252 6.43 -31.63 0.14
C THR B 252 7.94 -31.47 0.10
N ILE B 253 8.61 -32.49 -0.39
CA ILE B 253 10.06 -32.50 -0.50
C ILE B 253 10.56 -31.36 -1.38
N GLN B 254 10.00 -31.26 -2.58
CA GLN B 254 10.39 -30.19 -3.50
C GLN B 254 10.24 -28.81 -2.86
N TYR B 255 9.09 -28.59 -2.24
CA TYR B 255 8.79 -27.32 -1.58
C TYR B 255 9.84 -27.00 -0.51
N VAL B 256 10.05 -27.95 0.40
CA VAL B 256 10.96 -27.73 1.52
C VAL B 256 12.39 -27.51 1.05
N LYS B 257 12.86 -28.35 0.14
CA LYS B 257 14.23 -28.23 -0.38
C LYS B 257 14.44 -26.90 -1.08
N GLU B 258 13.44 -26.49 -1.87
CA GLU B 258 13.51 -25.23 -2.60
C GLU B 258 13.59 -24.06 -1.63
N ALA B 259 12.74 -24.08 -0.61
CA ALA B 259 12.73 -23.02 0.40
C ALA B 259 14.05 -22.99 1.16
N MET B 260 14.59 -24.16 1.48
CA MET B 260 15.84 -24.26 2.22
C MET B 260 17.03 -23.74 1.43
N LYS B 261 17.10 -24.07 0.14
CA LYS B 261 18.24 -23.62 -0.65
C LYS B 261 18.11 -22.13 -0.91
N LYS B 262 16.87 -21.67 -1.08
CA LYS B 262 16.66 -20.25 -1.34
C LYS B 262 17.03 -19.39 -0.14
N HIS B 263 16.64 -19.84 1.05
CA HIS B 263 16.91 -19.04 2.25
C HIS B 263 18.11 -19.51 3.10
N GLY B 264 18.84 -20.53 2.64
CA GLY B 264 20.03 -20.98 3.34
C GLY B 264 19.75 -21.60 4.70
N THR B 265 18.53 -22.12 4.84
CA THR B 265 18.06 -22.78 6.04
C THR B 265 18.30 -24.29 5.95
N GLU B 266 19.09 -24.66 4.95
CA GLU B 266 19.43 -26.05 4.63
C GLU B 266 19.77 -26.89 5.87
N ARG B 267 19.27 -28.12 5.88
CA ARG B 267 19.51 -29.08 6.96
C ARG B 267 18.89 -30.42 6.59
N PRO B 268 19.53 -31.52 7.00
CA PRO B 268 18.99 -32.84 6.66
C PRO B 268 17.68 -33.11 7.40
N PHE B 269 16.82 -33.92 6.81
CA PHE B 269 15.59 -34.33 7.47
C PHE B 269 15.20 -35.71 7.00
N GLU B 270 14.38 -36.40 7.78
CA GLU B 270 13.87 -37.70 7.35
C GLU B 270 12.39 -37.62 7.08
N VAL B 271 11.91 -38.50 6.22
CA VAL B 271 10.52 -38.50 5.84
C VAL B 271 9.79 -39.56 6.66
N ILE B 272 9.02 -39.11 7.63
CA ILE B 272 8.31 -40.00 8.53
C ILE B 272 6.88 -40.14 8.03
N LYS B 273 6.46 -41.37 7.80
CA LYS B 273 5.13 -41.61 7.27
C LYS B 273 4.46 -42.72 8.04
N GLY B 274 3.15 -42.61 8.23
CA GLY B 274 2.45 -43.55 9.07
C GLY B 274 2.35 -44.92 8.42
N ASP B 275 2.30 -45.95 9.26
CA ASP B 275 2.12 -47.32 8.82
C ASP B 275 0.66 -47.61 9.18
N GLU B 276 -0.04 -48.46 8.43
CA GLU B 276 -1.39 -48.85 8.84
C GLU B 276 -1.27 -50.05 9.80
N ASP B 277 -0.07 -50.27 10.29
CA ASP B 277 0.08 -51.18 11.42
C ASP B 277 -0.36 -50.37 12.64
N ALA B 278 -0.79 -49.14 12.36
CA ALA B 278 -1.30 -48.20 13.33
C ALA B 278 -2.82 -48.12 13.20
N GLU B 279 -3.50 -47.81 14.30
CA GLU B 279 -4.95 -47.75 14.33
C GLU B 279 -5.41 -46.37 14.76
N PHE B 280 -6.69 -46.07 14.52
CA PHE B 280 -7.20 -44.72 14.66
C PHE B 280 -8.56 -44.68 15.35
N ALA B 281 -8.69 -43.84 16.37
CA ALA B 281 -10.00 -43.42 16.82
C ALA B 281 -10.70 -42.74 15.64
N GLU B 282 -11.93 -43.15 15.36
CA GLU B 282 -12.78 -42.46 14.38
C GLU B 282 -12.20 -42.26 12.97
N VAL B 283 -11.78 -43.33 12.31
CA VAL B 283 -11.47 -43.21 10.89
C VAL B 283 -12.73 -42.78 10.14
N TYR B 284 -12.67 -41.67 9.41
CA TYR B 284 -13.80 -41.27 8.60
C TYR B 284 -13.53 -41.66 7.16
N GLU B 285 -14.53 -41.50 6.30
CA GLU B 285 -14.31 -41.70 4.87
C GLU B 285 -15.06 -40.66 4.07
N ILE B 286 -14.30 -39.93 3.26
CA ILE B 286 -14.83 -38.82 2.49
C ILE B 286 -14.70 -39.15 1.02
N GLU B 287 -15.75 -38.89 0.25
CA GLU B 287 -15.57 -38.98 -1.19
C GLU B 287 -15.82 -37.61 -1.81
N ALA B 288 -14.77 -37.15 -2.50
CA ALA B 288 -14.64 -35.78 -2.95
C ALA B 288 -15.51 -35.57 -4.17
N ASP B 289 -15.95 -36.69 -4.73
CA ASP B 289 -16.87 -36.70 -5.85
C ASP B 289 -18.10 -35.87 -5.55
N LYS B 290 -18.79 -36.22 -4.47
CA LYS B 290 -20.10 -35.65 -4.18
C LYS B 290 -20.00 -34.39 -3.31
N ILE B 291 -18.77 -33.94 -3.06
CA ILE B 291 -18.58 -32.66 -2.40
C ILE B 291 -18.88 -31.55 -3.39
N GLU B 292 -19.66 -30.57 -2.94
CA GLU B 292 -20.03 -29.45 -3.78
C GLU B 292 -19.69 -28.18 -3.03
N PRO B 293 -19.60 -27.02 -3.73
CA PRO B 293 -19.14 -25.80 -3.07
C PRO B 293 -20.03 -25.46 -1.87
N VAL B 294 -19.41 -25.18 -0.73
CA VAL B 294 -20.19 -24.95 0.49
C VAL B 294 -19.98 -23.57 1.09
N PHE B 295 -20.62 -23.36 2.23
CA PHE B 295 -20.53 -22.13 2.98
C PHE B 295 -20.49 -22.48 4.45
N ALA B 296 -19.65 -21.81 5.23
CA ALA B 296 -19.81 -21.90 6.67
C ALA B 296 -20.66 -20.71 7.06
N CYS B 297 -21.89 -21.00 7.46
CA CYS B 297 -22.89 -19.97 7.66
C CYS B 297 -22.64 -19.29 8.99
N PRO B 298 -23.07 -18.02 9.11
CA PRO B 298 -22.64 -17.05 10.12
C PRO B 298 -22.59 -17.49 11.57
N HIS B 299 -21.54 -17.00 12.22
CA HIS B 299 -21.29 -17.10 13.65
C HIS B 299 -20.72 -18.44 14.08
N ASN B 300 -20.79 -19.45 13.21
CA ASN B 300 -20.21 -20.76 13.50
C ASN B 300 -19.61 -21.45 12.28
N VAL B 301 -18.41 -22.00 12.46
CA VAL B 301 -17.69 -22.63 11.36
C VAL B 301 -18.31 -23.97 10.97
N ASP B 302 -18.92 -24.66 11.94
CA ASP B 302 -19.31 -26.05 11.74
C ASP B 302 -20.71 -26.29 11.16
N ASN B 303 -21.50 -25.23 10.97
CA ASN B 303 -22.85 -25.42 10.43
C ASN B 303 -22.83 -25.95 9.01
N VAL B 304 -22.15 -25.22 8.12
CA VAL B 304 -21.82 -25.69 6.77
C VAL B 304 -23.01 -26.16 5.93
N LYS B 305 -23.79 -25.20 5.45
CA LYS B 305 -24.85 -25.46 4.48
C LYS B 305 -24.33 -25.30 3.04
N GLN B 306 -24.71 -26.24 2.16
CA GLN B 306 -24.31 -26.20 0.75
C GLN B 306 -24.74 -24.90 0.06
N ALA B 307 -23.95 -24.47 -0.91
CA ALA B 307 -24.11 -23.17 -1.58
C ALA B 307 -25.51 -22.90 -2.15
N ARG B 308 -26.09 -23.89 -2.82
CA ARG B 308 -27.38 -23.72 -3.47
C ARG B 308 -28.47 -23.32 -2.47
N GLU B 309 -28.43 -23.91 -1.28
CA GLU B 309 -29.48 -23.71 -0.29
C GLU B 309 -29.68 -22.25 0.12
N VAL B 310 -28.58 -21.57 0.39
CA VAL B 310 -28.63 -20.19 0.90
C VAL B 310 -28.40 -19.17 -0.22
N ALA B 311 -28.26 -19.65 -1.45
CA ALA B 311 -28.01 -18.76 -2.58
C ALA B 311 -29.07 -17.67 -2.73
N GLY B 312 -28.65 -16.48 -3.16
CA GLY B 312 -29.56 -15.37 -3.41
C GLY B 312 -29.54 -14.22 -2.43
N LYS B 313 -28.99 -14.45 -1.23
CA LYS B 313 -28.88 -13.40 -0.23
C LYS B 313 -27.81 -12.36 -0.59
N PRO B 314 -28.18 -11.06 -0.57
CA PRO B 314 -27.26 -9.97 -0.92
C PRO B 314 -26.13 -9.80 0.08
N ILE B 315 -24.96 -9.38 -0.41
CA ILE B 315 -23.76 -9.22 0.42
C ILE B 315 -23.07 -7.89 0.14
N ASP B 316 -22.53 -7.26 1.19
CA ASP B 316 -21.84 -5.99 0.99
C ASP B 316 -20.32 -6.10 0.92
N GLN B 317 -19.77 -7.29 1.16
CA GLN B 317 -18.31 -7.44 1.10
C GLN B 317 -17.84 -8.87 0.78
N VAL B 318 -16.74 -8.95 0.02
CA VAL B 318 -16.05 -10.20 -0.25
C VAL B 318 -14.59 -10.03 0.14
N PHE B 319 -14.09 -10.95 0.97
CA PHE B 319 -12.70 -10.93 1.40
C PHE B 319 -11.97 -12.16 0.87
N ILE B 320 -11.10 -11.94 -0.11
CA ILE B 320 -10.34 -13.02 -0.72
C ILE B 320 -8.89 -12.97 -0.27
N GLY B 321 -8.38 -14.11 0.19
CA GLY B 321 -7.02 -14.21 0.68
C GLY B 321 -6.98 -14.18 2.19
N SER B 322 -6.12 -15.01 2.76
CA SER B 322 -6.00 -15.19 4.20
C SER B 322 -4.78 -16.07 4.43
N CYS B 323 -4.55 -16.50 5.66
CA CYS B 323 -3.60 -17.58 5.86
C CYS B 323 -4.25 -18.87 5.35
N THR B 324 -5.57 -18.88 5.27
CA THR B 324 -6.31 -20.08 4.88
C THR B 324 -6.26 -20.28 3.37
N ASN B 325 -6.88 -19.40 2.60
CA ASN B 325 -6.52 -19.36 1.19
C ASN B 325 -5.99 -17.98 0.82
N GLY B 326 -4.68 -17.77 0.97
CA GLY B 326 -4.04 -16.53 0.57
C GLY B 326 -2.94 -16.67 -0.44
N ARG B 327 -2.76 -17.87 -0.96
CA ARG B 327 -1.58 -18.16 -1.76
C ARG B 327 -1.83 -17.94 -3.24
N LEU B 328 -0.79 -18.13 -4.05
CA LEU B 328 -0.86 -17.81 -5.47
C LEU B 328 -2.00 -18.53 -6.18
N GLU B 329 -2.16 -19.82 -5.94
CA GLU B 329 -3.20 -20.59 -6.63
C GLU B 329 -4.61 -20.07 -6.31
N ASP B 330 -4.80 -19.61 -5.09
CA ASP B 330 -6.08 -19.03 -4.67
C ASP B 330 -6.41 -17.79 -5.47
N LEU B 331 -5.46 -16.85 -5.49
CA LEU B 331 -5.59 -15.61 -6.24
C LEU B 331 -5.82 -15.90 -7.71
N ARG B 332 -5.13 -16.91 -8.21
CA ARG B 332 -5.20 -17.29 -9.61
C ARG B 332 -6.59 -17.81 -9.99
N MET B 333 -7.13 -18.73 -9.20
CA MET B 333 -8.45 -19.25 -9.53
C MET B 333 -9.54 -18.19 -9.35
N ALA B 334 -9.38 -17.34 -8.35
CA ALA B 334 -10.37 -16.31 -8.08
C ALA B 334 -10.38 -15.29 -9.22
N ILE B 335 -9.21 -14.88 -9.65
CA ILE B 335 -9.13 -13.89 -10.71
C ILE B 335 -9.54 -14.52 -12.04
N LYS B 336 -9.33 -15.82 -12.19
CA LYS B 336 -9.83 -16.52 -13.38
C LYS B 336 -11.36 -16.38 -13.42
N ILE B 337 -12.03 -16.68 -12.32
CA ILE B 337 -13.49 -16.54 -12.25
C ILE B 337 -13.94 -15.10 -12.54
N ILE B 338 -13.33 -14.14 -11.85
CA ILE B 338 -13.72 -12.74 -12.01
C ILE B 338 -13.52 -12.24 -13.43
N GLU B 339 -12.33 -12.53 -13.97
CA GLU B 339 -11.94 -12.12 -15.31
C GLU B 339 -12.91 -12.64 -16.35
N LYS B 340 -13.29 -13.93 -16.21
CA LYS B 340 -14.17 -14.54 -17.20
C LYS B 340 -15.50 -13.81 -17.32
N HIS B 341 -16.01 -13.28 -16.21
CA HIS B 341 -17.28 -12.55 -16.22
C HIS B 341 -17.12 -11.03 -16.30
N GLY B 342 -15.88 -10.56 -16.44
CA GLY B 342 -15.63 -9.15 -16.69
C GLY B 342 -15.97 -8.17 -15.60
N GLY B 343 -15.38 -8.37 -14.42
CA GLY B 343 -15.55 -7.42 -13.32
C GLY B 343 -16.45 -7.89 -12.19
N ILE B 344 -16.65 -7.02 -11.22
CA ILE B 344 -17.42 -7.34 -10.04
C ILE B 344 -18.67 -6.47 -9.93
N ALA B 345 -19.65 -6.98 -9.20
CA ALA B 345 -20.92 -6.29 -8.97
C ALA B 345 -20.77 -4.94 -8.28
N ASP B 346 -21.67 -4.02 -8.60
CA ASP B 346 -21.70 -2.71 -7.96
C ASP B 346 -21.98 -2.86 -6.49
N ASP B 347 -21.59 -1.85 -5.73
CA ASP B 347 -21.93 -1.75 -4.32
C ASP B 347 -21.47 -2.96 -3.50
N VAL B 348 -20.33 -3.52 -3.89
CA VAL B 348 -19.72 -4.60 -3.12
C VAL B 348 -18.23 -4.32 -2.93
N ARG B 349 -17.77 -4.49 -1.71
CA ARG B 349 -16.37 -4.22 -1.39
C ARG B 349 -15.53 -5.48 -1.47
N VAL B 350 -14.63 -5.56 -2.44
CA VAL B 350 -13.76 -6.73 -2.57
C VAL B 350 -12.34 -6.43 -2.10
N VAL B 351 -11.90 -7.21 -1.12
CA VAL B 351 -10.62 -6.98 -0.47
C VAL B 351 -9.71 -8.19 -0.67
N VAL B 352 -8.57 -7.99 -1.31
CA VAL B 352 -7.69 -9.09 -1.69
C VAL B 352 -6.38 -9.03 -0.92
N THR B 353 -6.10 -10.05 -0.12
CA THR B 353 -4.99 -10.01 0.83
C THR B 353 -4.09 -11.23 0.69
N PRO B 354 -3.01 -11.10 -0.11
CA PRO B 354 -2.03 -12.18 -0.24
C PRO B 354 -1.49 -12.59 1.13
N ALA B 355 -1.26 -13.89 1.33
CA ALA B 355 -0.89 -14.43 2.62
C ALA B 355 0.49 -13.97 3.10
N SER B 356 1.34 -13.55 2.17
CA SER B 356 2.67 -13.08 2.54
C SER B 356 3.27 -12.18 1.47
N ARG B 357 4.45 -11.65 1.75
CA ARG B 357 5.14 -10.77 0.81
C ARG B 357 5.55 -11.51 -0.44
N GLU B 358 6.12 -12.70 -0.28
CA GLU B 358 6.50 -13.55 -1.42
C GLU B 358 5.31 -13.83 -2.33
N GLU B 359 4.20 -14.26 -1.74
CA GLU B 359 3.00 -14.57 -2.52
C GLU B 359 2.51 -13.33 -3.25
N TYR B 360 2.57 -12.19 -2.57
CA TYR B 360 2.22 -10.91 -3.17
C TYR B 360 3.10 -10.60 -4.38
N LEU B 361 4.41 -10.84 -4.24
CA LEU B 361 5.36 -10.59 -5.32
C LEU B 361 5.11 -11.52 -6.50
N LYS B 362 4.74 -12.76 -6.21
CA LYS B 362 4.41 -13.71 -7.27
C LYS B 362 3.19 -13.21 -8.03
N ALA B 363 2.16 -12.81 -7.28
CA ALA B 363 0.91 -12.36 -7.89
C ALA B 363 1.12 -11.07 -8.67
N LEU B 364 2.07 -10.26 -8.22
CA LEU B 364 2.40 -9.02 -8.88
C LEU B 364 3.08 -9.29 -10.21
N LYS B 365 4.13 -10.09 -10.14
CA LYS B 365 4.93 -10.48 -11.30
C LYS B 365 4.10 -11.14 -12.39
N GLU B 366 3.04 -11.83 -11.98
CA GLU B 366 2.22 -12.60 -12.91
C GLU B 366 1.07 -11.77 -13.49
N GLY B 367 0.97 -10.50 -13.08
CA GLY B 367 -0.08 -9.63 -13.56
C GLY B 367 -1.41 -9.75 -12.82
N ILE B 368 -1.49 -10.72 -11.92
CA ILE B 368 -2.72 -10.99 -11.18
C ILE B 368 -3.19 -9.80 -10.34
N ILE B 369 -2.26 -9.21 -9.58
CA ILE B 369 -2.57 -8.06 -8.73
C ILE B 369 -3.24 -6.92 -9.48
N GLU B 370 -2.73 -6.62 -10.67
CA GLU B 370 -3.25 -5.49 -11.45
C GLU B 370 -4.59 -5.85 -12.09
N LYS B 371 -4.76 -7.11 -12.47
CA LYS B 371 -6.06 -7.60 -12.93
C LYS B 371 -7.10 -7.34 -11.84
N PHE B 372 -6.77 -7.75 -10.62
CA PHE B 372 -7.63 -7.47 -9.47
C PHE B 372 -7.92 -5.98 -9.31
N LEU B 373 -6.88 -5.16 -9.38
CA LEU B 373 -7.03 -3.72 -9.20
C LEU B 373 -7.96 -3.08 -10.21
N LYS B 374 -7.78 -3.41 -11.48
CA LYS B 374 -8.53 -2.77 -12.56
C LYS B 374 -9.99 -3.22 -12.61
N TYR B 375 -10.28 -4.36 -12.00
CA TYR B 375 -11.66 -4.86 -11.94
C TYR B 375 -12.40 -4.26 -10.75
N GLY B 376 -11.72 -3.38 -10.01
CA GLY B 376 -12.34 -2.63 -8.94
C GLY B 376 -12.06 -3.09 -7.52
N CYS B 377 -11.28 -4.16 -7.38
CA CYS B 377 -10.90 -4.65 -6.05
C CYS B 377 -9.77 -3.83 -5.46
N VAL B 378 -9.68 -3.81 -4.12
CA VAL B 378 -8.52 -3.22 -3.47
C VAL B 378 -7.62 -4.35 -2.97
N VAL B 379 -6.32 -4.20 -3.20
CA VAL B 379 -5.37 -5.22 -2.80
C VAL B 379 -4.51 -4.73 -1.64
N THR B 380 -4.38 -5.57 -0.64
CA THR B 380 -3.56 -5.29 0.52
C THR B 380 -2.15 -5.81 0.34
N ASN B 381 -1.20 -4.89 0.17
CA ASN B 381 0.21 -5.22 0.21
C ASN B 381 0.63 -5.41 1.67
N PRO B 382 1.01 -6.64 2.05
CA PRO B 382 1.37 -6.96 3.43
C PRO B 382 2.60 -6.21 3.94
N SER B 383 3.39 -5.66 3.03
CA SER B 383 4.59 -4.90 3.41
C SER B 383 4.29 -3.41 3.54
N CYS B 384 3.07 -3.03 3.19
CA CYS B 384 2.67 -1.63 3.21
C CYS B 384 1.78 -1.33 4.41
N SER B 385 2.23 -0.43 5.26
CA SER B 385 1.49 -0.12 6.49
C SER B 385 0.20 0.63 6.18
N ALA B 386 0.23 1.46 5.14
CA ALA B 386 -0.98 2.13 4.66
C ALA B 386 -2.02 1.09 4.26
N CYS B 387 -1.57 0.06 3.56
CA CYS B 387 -2.44 -1.05 3.18
C CYS B 387 -2.97 -1.77 4.41
N MET B 388 -2.11 -1.97 5.40
CA MET B 388 -2.43 -2.81 6.54
C MET B 388 -3.36 -2.12 7.54
N GLY B 389 -3.32 -0.80 7.59
CA GLY B 389 -4.07 -0.05 8.58
C GLY B 389 -5.45 0.40 8.12
N SER B 390 -5.72 0.24 6.83
CA SER B 390 -6.99 0.67 6.25
C SER B 390 -8.18 -0.03 6.89
N LEU B 391 -9.22 0.74 7.18
CA LEU B 391 -10.42 0.20 7.83
C LEU B 391 -11.49 -0.18 6.82
N TYR B 392 -11.14 -0.11 5.54
CA TYR B 392 -12.06 -0.36 4.43
C TYR B 392 -12.79 -1.70 4.52
N GLY B 393 -12.16 -2.69 5.15
CA GLY B 393 -12.74 -4.02 5.26
C GLY B 393 -13.46 -4.30 6.56
N VAL B 394 -13.65 -3.28 7.39
CA VAL B 394 -14.31 -3.47 8.67
C VAL B 394 -15.82 -3.49 8.50
N LEU B 395 -16.44 -4.58 8.95
CA LEU B 395 -17.88 -4.77 8.79
C LEU B 395 -18.67 -3.93 9.78
N GLY B 396 -19.65 -3.19 9.26
CA GLY B 396 -20.55 -2.42 10.09
C GLY B 396 -21.77 -3.25 10.45
N PRO B 397 -22.67 -2.70 11.28
CA PRO B 397 -23.88 -3.42 11.66
C PRO B 397 -24.76 -3.72 10.45
N GLY B 398 -25.32 -4.94 10.40
CA GLY B 398 -26.23 -5.31 9.35
C GLY B 398 -25.57 -5.65 8.03
N GLU B 399 -24.25 -5.81 8.03
CA GLU B 399 -23.53 -6.12 6.80
C GLU B 399 -23.16 -7.60 6.69
N VAL B 400 -23.24 -8.12 5.47
CA VAL B 400 -22.95 -9.53 5.20
C VAL B 400 -21.67 -9.64 4.39
N CYS B 401 -20.79 -10.57 4.78
CA CYS B 401 -19.51 -10.72 4.09
C CYS B 401 -19.16 -12.18 3.81
N VAL B 402 -18.68 -12.44 2.59
CA VAL B 402 -18.13 -13.75 2.24
C VAL B 402 -16.60 -13.75 2.38
N SER B 403 -16.09 -14.56 3.29
CA SER B 403 -14.65 -14.57 3.57
C SER B 403 -13.99 -15.92 3.33
N THR B 404 -12.74 -15.89 2.85
CA THR B 404 -11.97 -17.11 2.60
C THR B 404 -11.10 -17.49 3.80
N SER B 405 -11.35 -16.81 4.93
CA SER B 405 -10.57 -17.02 6.15
C SER B 405 -11.04 -18.16 7.06
N ASN B 406 -10.50 -18.17 8.27
CA ASN B 406 -10.69 -19.24 9.25
C ASN B 406 -11.99 -19.19 10.05
N ARG B 407 -12.43 -17.98 10.41
CA ARG B 407 -13.37 -17.83 11.51
C ARG B 407 -14.53 -16.87 11.21
N ASN B 408 -15.76 -17.38 11.33
CA ASN B 408 -16.96 -16.57 11.10
C ASN B 408 -17.69 -16.06 12.36
N PHE B 409 -17.12 -16.26 13.55
CA PHE B 409 -17.82 -15.93 14.80
C PHE B 409 -18.17 -14.44 14.89
N ARG B 410 -19.14 -14.12 15.74
CA ARG B 410 -19.67 -12.77 15.85
C ARG B 410 -18.59 -11.74 16.17
N GLY B 411 -18.55 -10.67 15.39
CA GLY B 411 -17.62 -9.59 15.66
C GLY B 411 -16.21 -9.79 15.13
N ARG B 412 -16.03 -10.82 14.32
CA ARG B 412 -14.69 -11.22 13.88
C ARG B 412 -14.05 -10.20 12.94
N GLN B 413 -14.77 -9.81 11.89
CA GLN B 413 -14.27 -8.78 10.98
C GLN B 413 -14.83 -7.39 11.22
N GLY B 414 -15.57 -7.20 12.31
CA GLY B 414 -16.32 -5.96 12.47
C GLY B 414 -17.40 -6.02 13.52
N SER B 415 -18.46 -5.24 13.30
CA SER B 415 -19.62 -5.20 14.19
C SER B 415 -20.19 -6.60 14.43
N LEU B 416 -20.75 -6.79 15.62
CA LEU B 416 -21.31 -8.09 15.99
C LEU B 416 -22.68 -8.35 15.37
N GLU B 417 -23.22 -7.34 14.69
CA GLU B 417 -24.44 -7.51 13.91
C GLU B 417 -24.08 -7.66 12.43
N ALA B 418 -22.79 -7.87 12.18
CA ALA B 418 -22.38 -8.28 10.85
C ALA B 418 -22.22 -9.80 10.86
N GLU B 419 -22.56 -10.44 9.75
CA GLU B 419 -22.37 -11.87 9.67
C GLU B 419 -21.50 -12.28 8.49
N ILE B 420 -20.89 -13.45 8.62
CA ILE B 420 -19.78 -13.86 7.77
C ILE B 420 -19.97 -15.29 7.29
N TYR B 421 -20.01 -15.47 5.97
CA TYR B 421 -20.03 -16.81 5.39
C TYR B 421 -18.61 -17.16 4.95
N LEU B 422 -18.20 -18.40 5.19
CA LEU B 422 -16.86 -18.83 4.79
C LEU B 422 -16.90 -19.65 3.51
N ALA B 423 -15.93 -19.44 2.62
CA ALA B 423 -15.91 -20.15 1.36
C ALA B 423 -14.51 -20.30 0.76
N SER B 424 -14.43 -21.04 -0.33
CA SER B 424 -13.22 -21.15 -1.13
C SER B 424 -13.08 -19.90 -2.01
N PRO B 425 -11.87 -19.65 -2.54
CA PRO B 425 -11.67 -18.50 -3.44
C PRO B 425 -12.61 -18.47 -4.64
N ILE B 426 -12.97 -19.64 -5.16
CA ILE B 426 -13.87 -19.73 -6.31
C ILE B 426 -15.28 -19.23 -5.99
N THR B 427 -15.87 -19.83 -4.97
CA THR B 427 -17.21 -19.45 -4.51
C THR B 427 -17.25 -17.97 -4.15
N ALA B 428 -16.23 -17.52 -3.44
CA ALA B 428 -16.12 -16.13 -3.02
C ALA B 428 -16.08 -15.21 -4.23
N ALA B 429 -15.20 -15.53 -5.18
CA ALA B 429 -15.07 -14.74 -6.41
C ALA B 429 -16.39 -14.63 -7.13
N ALA B 430 -17.09 -15.76 -7.26
CA ALA B 430 -18.41 -15.75 -7.86
C ALA B 430 -19.38 -14.83 -7.10
N CYS B 431 -19.33 -14.87 -5.77
CA CYS B 431 -20.16 -13.98 -4.96
C CYS B 431 -19.83 -12.51 -5.24
N ALA B 432 -18.56 -12.23 -5.48
CA ALA B 432 -18.10 -10.87 -5.79
C ALA B 432 -18.59 -10.45 -7.18
N VAL B 433 -18.72 -11.42 -8.06
CA VAL B 433 -19.18 -11.17 -9.41
C VAL B 433 -20.65 -10.81 -9.37
N LYS B 434 -21.47 -11.65 -8.75
CA LYS B 434 -22.91 -11.36 -8.62
C LYS B 434 -23.33 -10.26 -7.61
N GLY B 435 -22.66 -10.12 -6.46
CA GLY B 435 -23.09 -9.16 -5.44
C GLY B 435 -24.07 -9.65 -4.39
N GLU B 436 -24.10 -10.97 -4.23
CA GLU B 436 -24.95 -11.73 -3.32
C GLU B 436 -24.39 -13.18 -3.12
N LEU B 437 -25.09 -14.06 -2.38
CA LEU B 437 -24.63 -15.46 -2.14
C LEU B 437 -24.87 -16.52 -3.27
N VAL B 438 -23.81 -17.19 -3.77
CA VAL B 438 -23.92 -18.21 -4.88
C VAL B 438 -23.40 -19.60 -4.75
N ASP B 439 -23.81 -20.34 -5.77
CA ASP B 439 -23.16 -21.56 -6.13
C ASP B 439 -22.39 -21.25 -7.43
N PRO B 440 -21.08 -21.49 -7.43
CA PRO B 440 -20.14 -21.17 -8.51
C PRO B 440 -20.57 -21.66 -9.90
N ARG B 441 -21.43 -22.66 -9.96
CA ARG B 441 -21.77 -23.22 -11.26
C ARG B 441 -22.88 -22.42 -11.96
N ASP B 442 -23.46 -21.45 -11.27
CA ASP B 442 -24.59 -20.69 -11.81
C ASP B 442 -24.18 -19.28 -12.25
#